data_8XJW
#
_entry.id   8XJW
#
loop_
_entity.id
_entity.type
_entity.pdbx_description
1 polymer KmAgo
2 polymer 'guide DNA'
3 polymer 'target RNA'
4 non-polymer 'MANGANESE (II) ION'
5 water water
#
loop_
_entity_poly.entity_id
_entity_poly.type
_entity_poly.pdbx_seq_one_letter_code
_entity_poly.pdbx_strand_id
1 'polypeptide(L)'
;MEAYITEMVSRERANELEVYVYVFPRKQSDNNYEGVYHIMRAWQRANDLPLAYNQHTIMAFSPVRHMCGYTPMETQKRHI
NIDSPFERALLERLIKNSLIFTAERHLHAKRVGHALRLNQVQQIRQVIIYEAIELYVNIIENRISIGFHLTHQFEYVYTL
QSMIEQGKTIRPGMRVVHSNGRQHYTYTVENVATYGVTDRCPLLQTSIYQYYVEKGAQHILRTFTRSTRVIHVRTKEQRL
SYAATLLKPLCTFETMQPQDVLNVSKCIKLSASKRMKCTYRWIQQLRAQYRHLTFAPNPFTIAQNGYKLDQLSTPKVHFH
RDYATVVSGMKTGKLYKGGNIKISVLFDEDFYLKHHITKKDIYQFIAVLQKIAIAQGVNMTISTSTKSITGKFTDDFFHH
FTEEVEALQPIFAQTTVLAFITSTHLSNKKTRSYQLLKQYFGGKWDIASQVITEKTIEAFQKILHKHGLKNFYPNDEQHC
LRVIDVLKNESFYYTVMNILLGVYVKSGIQPWILANTTHSDCFIGIDVSHENGNSAAGMMNVIGSQGHLIQQAPLNGILA
GEKIDDTLLANLLKQMIKAYHTQFQRFPKHITIHRDGFWREHTALVEKIMSHYEITYDIVEIIKKPNRRMAFFNSVDNTF
STRQGTVYQRGNEAFLCATNPQQKVGMAQPIKIHQVTKTLPFSHIIEDVYNLSFLHIHAMNKMRLPATIHYADLSATAYQ
RGQVMPRSGNQTNLPFV
;
A
2 'polydeoxyribonucleotide' (DT)(DG)(DA)(DG)(DG)(DT)(DA)(DG)(DT)(DA)(DG)(DG)(DT)(DT)(DG)(DT)(DA)(DT) B
3 'polyribonucleotide' UAUACAACCUACUACCUCA C
#
loop_
_chem_comp.id
_chem_comp.type
_chem_comp.name
_chem_comp.formula
A RNA linking ADENOSINE-5'-MONOPHOSPHATE 'C10 H14 N5 O7 P'
C RNA linking CYTIDINE-5'-MONOPHOSPHATE 'C9 H14 N3 O8 P'
DA DNA linking 2'-DEOXYADENOSINE-5'-MONOPHOSPHATE 'C10 H14 N5 O6 P'
DG DNA linking 2'-DEOXYGUANOSINE-5'-MONOPHOSPHATE 'C10 H14 N5 O7 P'
DT DNA linking THYMIDINE-5'-MONOPHOSPHATE 'C10 H15 N2 O8 P'
MN non-polymer 'MANGANESE (II) ION' 'Mn 2'
U RNA linking URIDINE-5'-MONOPHOSPHATE 'C9 H13 N2 O9 P'
#
# COMPACT_ATOMS: atom_id res chain seq x y z
N MET A 1 6.10 -16.68 25.83
CA MET A 1 5.83 -15.40 25.19
C MET A 1 7.10 -14.94 24.46
N GLU A 2 7.33 -15.50 23.28
CA GLU A 2 8.57 -15.31 22.55
C GLU A 2 8.27 -14.83 21.13
N ALA A 3 9.20 -14.07 20.56
CA ALA A 3 9.04 -13.52 19.23
C ALA A 3 9.25 -14.58 18.16
N TYR A 4 8.44 -14.53 17.11
CA TYR A 4 8.45 -15.48 16.02
C TYR A 4 8.41 -14.76 14.69
N ILE A 5 9.25 -15.21 13.75
CA ILE A 5 9.30 -14.74 12.38
C ILE A 5 9.04 -15.93 11.47
N THR A 6 8.41 -15.67 10.32
CA THR A 6 8.16 -16.73 9.34
C THR A 6 9.41 -16.96 8.48
N GLU A 7 10.48 -17.38 9.15
CA GLU A 7 11.74 -17.66 8.48
C GLU A 7 12.43 -18.82 9.21
N MET A 8 13.43 -19.39 8.53
CA MET A 8 14.30 -20.40 9.13
C MET A 8 15.71 -20.16 8.63
N VAL A 9 16.68 -20.65 9.39
CA VAL A 9 18.08 -20.60 9.00
C VAL A 9 18.69 -21.98 9.22
N SER A 10 19.58 -22.38 8.31
CA SER A 10 20.13 -23.72 8.29
C SER A 10 21.43 -23.79 9.10
N ARG A 11 21.60 -24.91 9.80
CA ARG A 11 22.85 -25.14 10.53
C ARG A 11 24.03 -25.35 9.59
N GLU A 12 23.77 -25.70 8.33
CA GLU A 12 24.83 -25.81 7.34
C GLU A 12 25.29 -24.41 6.91
N ARG A 13 26.18 -24.37 5.93
CA ARG A 13 26.69 -23.12 5.40
C ARG A 13 26.85 -23.25 3.89
N ALA A 14 26.94 -22.09 3.23
CA ALA A 14 26.95 -22.08 1.77
C ALA A 14 28.14 -22.85 1.21
N ASN A 15 29.32 -22.65 1.78
CA ASN A 15 30.53 -23.30 1.30
C ASN A 15 30.79 -24.65 1.96
N GLU A 16 29.88 -25.11 2.83
CA GLU A 16 29.99 -26.43 3.43
C GLU A 16 29.07 -27.45 2.77
N LEU A 17 28.54 -27.13 1.59
CA LEU A 17 27.68 -28.03 0.84
C LEU A 17 28.39 -28.47 -0.43
N GLU A 18 28.18 -29.73 -0.80
CA GLU A 18 28.81 -30.32 -1.98
C GLU A 18 27.80 -30.35 -3.13
N VAL A 19 28.17 -29.77 -4.26
CA VAL A 19 27.30 -29.71 -5.43
C VAL A 19 28.10 -30.13 -6.66
N TYR A 20 27.37 -30.32 -7.76
CA TYR A 20 27.97 -30.66 -9.05
C TYR A 20 27.69 -29.53 -10.04
N VAL A 21 28.73 -29.11 -10.75
CA VAL A 21 28.67 -27.98 -11.66
C VAL A 21 29.09 -28.46 -13.05
N TYR A 22 28.24 -28.17 -14.04
CA TYR A 22 28.50 -28.49 -15.43
C TYR A 22 28.57 -27.19 -16.22
N VAL A 23 29.62 -27.04 -17.03
CA VAL A 23 29.88 -25.84 -17.79
C VAL A 23 29.88 -26.18 -19.27
N PHE A 24 29.08 -25.45 -20.05
CA PHE A 24 28.90 -25.56 -21.48
C PHE A 24 29.60 -24.41 -22.19
N PRO A 25 29.95 -24.58 -23.48
CA PRO A 25 30.56 -23.47 -24.21
C PRO A 25 29.52 -22.48 -24.72
N GLU A 34 17.33 -19.19 -21.79
CA GLU A 34 18.58 -18.76 -22.42
C GLU A 34 19.73 -19.68 -22.08
N GLY A 35 20.43 -20.14 -23.12
CA GLY A 35 21.63 -20.95 -22.94
C GLY A 35 21.38 -22.43 -22.74
N VAL A 36 20.97 -22.82 -21.54
CA VAL A 36 20.86 -24.24 -21.21
C VAL A 36 19.51 -24.56 -20.57
N TYR A 37 18.50 -23.74 -20.85
CA TYR A 37 17.17 -24.01 -20.31
C TYR A 37 16.62 -25.35 -20.81
N HIS A 38 16.67 -25.56 -22.12
CA HIS A 38 16.16 -26.81 -22.69
C HIS A 38 16.99 -28.01 -22.25
N ILE A 39 18.30 -27.84 -22.13
CA ILE A 39 19.15 -28.92 -21.60
C ILE A 39 18.75 -29.27 -20.18
N MET A 40 18.53 -28.24 -19.35
CA MET A 40 18.14 -28.48 -17.96
C MET A 40 16.80 -29.19 -17.89
N ARG A 41 15.84 -28.77 -18.71
CA ARG A 41 14.53 -29.42 -18.71
C ARG A 41 14.64 -30.87 -19.15
N ALA A 42 15.44 -31.13 -20.19
CA ALA A 42 15.62 -32.50 -20.66
C ALA A 42 16.24 -33.38 -19.58
N TRP A 43 17.28 -32.89 -18.92
CA TRP A 43 17.90 -33.67 -17.85
C TRP A 43 16.95 -33.86 -16.68
N GLN A 44 16.16 -32.83 -16.36
CA GLN A 44 15.21 -32.94 -15.26
C GLN A 44 14.17 -34.00 -15.52
N ARG A 45 13.62 -34.05 -16.75
CA ARG A 45 12.61 -35.05 -17.04
C ARG A 45 13.23 -36.44 -17.21
N ALA A 46 14.48 -36.52 -17.68
CA ALA A 46 15.09 -37.82 -17.89
C ALA A 46 15.60 -38.45 -16.59
N ASN A 47 16.04 -37.64 -15.63
CA ASN A 47 16.69 -38.15 -14.42
C ASN A 47 15.93 -37.81 -13.14
N ASP A 48 14.69 -37.33 -13.25
CA ASP A 48 13.81 -36.97 -12.14
C ASP A 48 14.56 -36.38 -10.94
N LEU A 49 15.45 -35.43 -11.22
CA LEU A 49 16.35 -34.85 -10.24
C LEU A 49 16.19 -33.34 -10.20
N PRO A 50 16.37 -32.72 -9.03
CA PRO A 50 16.34 -31.25 -8.97
C PRO A 50 17.62 -30.66 -9.56
N LEU A 51 17.44 -29.73 -10.49
CA LEU A 51 18.55 -29.04 -11.15
C LEU A 51 18.26 -27.56 -11.20
N ALA A 52 19.30 -26.78 -11.50
CA ALA A 52 19.13 -25.35 -11.72
C ALA A 52 20.19 -24.89 -12.71
N TYR A 53 19.98 -23.72 -13.31
CA TYR A 53 20.93 -23.25 -14.31
C TYR A 53 21.05 -21.75 -14.25
N ASN A 54 22.10 -21.25 -14.89
CA ASN A 54 22.28 -19.84 -15.20
C ASN A 54 22.96 -19.76 -16.56
N GLN A 55 23.37 -18.54 -16.94
CA GLN A 55 23.66 -18.17 -18.32
C GLN A 55 24.29 -19.29 -19.14
N HIS A 56 25.41 -19.85 -18.66
CA HIS A 56 26.04 -20.99 -19.31
C HIS A 56 26.55 -21.98 -18.28
N THR A 57 25.74 -22.26 -17.25
CA THR A 57 26.17 -23.17 -16.21
C THR A 57 24.96 -23.91 -15.67
N ILE A 58 25.17 -25.14 -15.20
CA ILE A 58 24.13 -25.93 -14.57
C ILE A 58 24.67 -26.47 -13.25
N MET A 59 23.82 -26.47 -12.22
CA MET A 59 24.19 -26.99 -10.92
C MET A 59 23.15 -28.02 -10.46
N ALA A 60 23.64 -29.04 -9.77
CA ALA A 60 22.80 -30.11 -9.26
C ALA A 60 23.34 -30.59 -7.92
N PHE A 61 22.47 -31.27 -7.17
CA PHE A 61 22.87 -31.85 -5.89
C PHE A 61 23.48 -33.24 -6.04
N SER A 62 23.01 -34.03 -6.99
CA SER A 62 23.45 -35.39 -7.19
C SER A 62 23.90 -35.58 -8.63
N PRO A 63 24.79 -36.55 -8.88
CA PRO A 63 25.29 -36.76 -10.24
C PRO A 63 24.17 -37.20 -11.18
N VAL A 64 24.28 -36.76 -12.43
CA VAL A 64 23.29 -37.07 -13.46
C VAL A 64 23.76 -38.30 -14.24
N ARG A 65 22.85 -39.24 -14.46
CA ARG A 65 23.19 -40.50 -15.12
C ARG A 65 22.94 -40.43 -16.63
N HIS A 66 21.70 -40.17 -17.03
CA HIS A 66 21.34 -40.08 -18.44
C HIS A 66 21.72 -38.69 -18.93
N MET A 67 22.87 -38.59 -19.60
CA MET A 67 23.45 -37.30 -19.92
C MET A 67 22.71 -36.61 -21.07
N CYS A 68 21.92 -37.36 -21.84
CA CYS A 68 21.10 -36.82 -22.92
C CYS A 68 21.93 -36.01 -23.92
N GLY A 69 23.04 -36.59 -24.36
CA GLY A 69 23.85 -35.95 -25.37
C GLY A 69 24.53 -34.68 -24.90
N TYR A 70 24.79 -33.79 -25.87
CA TYR A 70 25.44 -32.50 -25.64
C TYR A 70 26.87 -32.68 -25.16
N THR A 71 27.64 -31.59 -25.15
CA THR A 71 29.06 -31.62 -24.78
C THR A 71 29.31 -30.57 -23.70
N PRO A 72 29.03 -30.89 -22.44
CA PRO A 72 29.42 -30.00 -21.35
C PRO A 72 30.94 -29.92 -21.25
N MET A 73 31.46 -28.70 -21.37
CA MET A 73 32.91 -28.52 -21.41
C MET A 73 33.57 -29.00 -20.12
N GLU A 74 32.98 -28.68 -18.97
CA GLU A 74 33.57 -29.02 -17.68
C GLU A 74 32.54 -29.67 -16.77
N THR A 75 33.01 -30.61 -15.96
CA THR A 75 32.18 -31.28 -14.96
C THR A 75 32.97 -31.36 -13.66
N GLN A 76 32.43 -30.77 -12.59
CA GLN A 76 33.16 -30.71 -11.32
C GLN A 76 32.23 -31.05 -10.17
N LYS A 77 32.80 -31.68 -9.15
CA LYS A 77 32.18 -31.78 -7.83
C LYS A 77 32.91 -30.79 -6.92
N ARG A 78 32.18 -29.83 -6.36
CA ARG A 78 32.83 -28.70 -5.74
C ARG A 78 31.92 -28.06 -4.71
N HIS A 79 32.48 -27.10 -3.98
CA HIS A 79 31.74 -26.19 -3.12
C HIS A 79 31.45 -24.91 -3.88
N ILE A 80 30.75 -23.99 -3.22
CA ILE A 80 30.42 -22.71 -3.82
C ILE A 80 31.61 -21.76 -3.67
N ASN A 81 31.71 -20.81 -4.60
CA ASN A 81 32.62 -19.67 -4.47
C ASN A 81 31.78 -18.51 -3.95
N ILE A 82 31.82 -18.30 -2.63
CA ILE A 82 30.87 -17.40 -2.00
C ILE A 82 31.11 -15.94 -2.35
N ASP A 83 32.29 -15.61 -2.88
CA ASP A 83 32.61 -14.24 -3.25
C ASP A 83 32.15 -13.89 -4.67
N SER A 84 31.20 -14.64 -5.22
CA SER A 84 30.67 -14.37 -6.55
C SER A 84 29.14 -14.40 -6.48
N PRO A 85 28.47 -13.34 -6.92
CA PRO A 85 27.00 -13.35 -6.93
C PRO A 85 26.41 -14.43 -7.81
N PHE A 86 27.09 -14.80 -8.90
CA PHE A 86 26.58 -15.82 -9.81
C PHE A 86 26.36 -17.14 -9.09
N GLU A 87 27.39 -17.61 -8.38
CA GLU A 87 27.29 -18.90 -7.70
C GLU A 87 26.27 -18.86 -6.57
N ARG A 88 26.21 -17.75 -5.83
CA ARG A 88 25.23 -17.63 -4.75
C ARG A 88 23.81 -17.67 -5.29
N ALA A 89 23.55 -16.96 -6.39
CA ALA A 89 22.23 -17.00 -7.00
C ALA A 89 21.88 -18.39 -7.51
N LEU A 90 22.85 -19.06 -8.16
CA LEU A 90 22.60 -20.40 -8.66
C LEU A 90 22.30 -21.38 -7.53
N LEU A 91 23.02 -21.25 -6.41
CA LEU A 91 22.75 -22.11 -5.27
C LEU A 91 21.38 -21.80 -4.67
N GLU A 92 21.00 -20.52 -4.62
CA GLU A 92 19.67 -20.17 -4.11
C GLU A 92 18.58 -20.82 -4.96
N ARG A 93 18.72 -20.75 -6.28
CA ARG A 93 17.77 -21.44 -7.15
C ARG A 93 17.82 -22.95 -6.95
N LEU A 94 19.00 -23.50 -6.64
CA LEU A 94 19.10 -24.94 -6.42
C LEU A 94 18.30 -25.37 -5.20
N ILE A 95 18.49 -24.70 -4.06
CA ILE A 95 17.69 -25.07 -2.88
C ILE A 95 16.21 -24.78 -3.11
N LYS A 96 15.87 -23.71 -3.82
CA LYS A 96 14.46 -23.44 -4.08
C LYS A 96 13.82 -24.56 -4.89
N ASN A 97 14.49 -24.98 -5.97
CA ASN A 97 13.95 -26.07 -6.79
C ASN A 97 13.91 -27.38 -6.01
N SER A 98 14.92 -27.63 -5.16
CA SER A 98 14.92 -28.85 -4.36
C SER A 98 13.74 -28.88 -3.39
N LEU A 99 13.45 -27.75 -2.74
CA LEU A 99 12.32 -27.69 -1.84
C LEU A 99 11.00 -27.84 -2.61
N ILE A 100 10.91 -27.24 -3.79
CA ILE A 100 9.71 -27.40 -4.60
C ILE A 100 9.50 -28.85 -4.98
N PHE A 101 10.56 -29.53 -5.41
CA PHE A 101 10.48 -30.94 -5.77
C PHE A 101 10.07 -31.80 -4.58
N THR A 102 10.67 -31.55 -3.42
CA THR A 102 10.32 -32.32 -2.23
C THR A 102 8.86 -32.10 -1.85
N ALA A 103 8.38 -30.86 -1.98
CA ALA A 103 6.98 -30.58 -1.67
C ALA A 103 6.04 -31.23 -2.67
N GLU A 104 6.45 -31.34 -3.94
CA GLU A 104 5.60 -31.95 -4.95
C GLU A 104 5.54 -33.47 -4.80
N ARG A 105 6.68 -34.10 -4.50
CA ARG A 105 6.72 -35.56 -4.48
C ARG A 105 6.05 -36.13 -3.23
N HIS A 106 6.60 -35.82 -2.05
CA HIS A 106 6.11 -36.43 -0.81
C HIS A 106 4.85 -35.75 -0.27
N LEU A 107 4.51 -34.57 -0.77
CA LEU A 107 3.29 -33.88 -0.39
C LEU A 107 2.46 -33.61 -1.64
N HIS A 108 1.14 -33.64 -1.48
CA HIS A 108 0.23 -33.43 -2.60
C HIS A 108 0.13 -31.92 -2.87
N ALA A 109 1.13 -31.42 -3.59
CA ALA A 109 1.23 -30.00 -3.90
C ALA A 109 1.44 -29.83 -5.40
N LYS A 110 1.03 -28.67 -5.91
CA LYS A 110 1.16 -28.34 -7.32
C LYS A 110 1.71 -26.93 -7.46
N ARG A 111 2.40 -26.69 -8.58
CA ARG A 111 2.96 -25.37 -8.88
C ARG A 111 1.93 -24.60 -9.70
N VAL A 112 1.09 -23.85 -9.00
CA VAL A 112 -0.02 -23.14 -9.63
C VAL A 112 0.17 -21.64 -9.38
N GLY A 113 0.67 -20.93 -10.39
CA GLY A 113 0.66 -19.48 -10.39
C GLY A 113 1.47 -18.80 -9.31
N HIS A 114 2.80 -18.88 -9.41
CA HIS A 114 3.77 -18.20 -8.55
C HIS A 114 3.78 -18.74 -7.13
N ALA A 115 2.98 -19.75 -6.81
CA ALA A 115 2.92 -20.29 -5.45
C ALA A 115 2.79 -21.80 -5.56
N LEU A 116 2.50 -22.44 -4.43
CA LEU A 116 2.30 -23.89 -4.36
C LEU A 116 0.89 -24.13 -3.84
N ARG A 117 0.07 -24.79 -4.65
CA ARG A 117 -1.28 -25.12 -4.24
C ARG A 117 -1.27 -26.24 -3.21
N LEU A 118 -2.17 -26.16 -2.24
CA LEU A 118 -2.26 -27.13 -1.15
C LEU A 118 -3.67 -27.72 -1.12
N ASN A 119 -3.96 -28.45 -0.05
CA ASN A 119 -5.24 -29.13 0.07
C ASN A 119 -6.39 -28.13 0.16
N GLN A 120 -7.50 -28.46 -0.50
CA GLN A 120 -8.69 -27.63 -0.45
C GLN A 120 -9.22 -27.52 0.98
N VAL A 121 -9.67 -26.33 1.34
CA VAL A 121 -10.09 -26.05 2.71
C VAL A 121 -11.56 -25.66 2.76
N GLN A 122 -12.07 -25.07 1.69
CA GLN A 122 -13.45 -24.58 1.68
C GLN A 122 -13.98 -24.59 0.26
N GLN A 123 -15.29 -24.81 0.14
CA GLN A 123 -16.00 -24.76 -1.14
C GLN A 123 -17.41 -24.27 -0.88
N ILE A 124 -17.78 -23.15 -1.51
CA ILE A 124 -19.11 -22.57 -1.35
C ILE A 124 -19.67 -22.22 -2.72
N ARG A 125 -20.78 -22.86 -3.09
CA ARG A 125 -21.62 -22.49 -4.22
C ARG A 125 -20.80 -22.18 -5.48
N GLN A 126 -20.15 -23.22 -5.98
CA GLN A 126 -19.35 -23.19 -7.21
C GLN A 126 -18.11 -22.33 -7.07
N VAL A 127 -17.62 -22.13 -5.84
CA VAL A 127 -16.36 -21.44 -5.58
C VAL A 127 -15.50 -22.36 -4.73
N ILE A 128 -14.29 -22.64 -5.20
CA ILE A 128 -13.34 -23.50 -4.53
C ILE A 128 -12.25 -22.63 -3.92
N ILE A 129 -12.03 -22.80 -2.61
CA ILE A 129 -11.06 -22.04 -1.85
C ILE A 129 -9.90 -22.98 -1.50
N TYR A 130 -8.73 -22.71 -2.06
CA TYR A 130 -7.55 -23.52 -1.81
C TYR A 130 -6.68 -22.88 -0.74
N GLU A 131 -5.51 -23.47 -0.50
CA GLU A 131 -4.46 -22.88 0.31
C GLU A 131 -3.17 -22.88 -0.51
N ALA A 132 -2.43 -21.78 -0.43
CA ALA A 132 -1.20 -21.64 -1.19
C ALA A 132 -0.08 -21.19 -0.25
N ILE A 133 1.15 -21.48 -0.66
CA ILE A 133 2.32 -21.06 0.10
C ILE A 133 3.42 -20.67 -0.88
N GLU A 134 4.31 -19.79 -0.42
CA GLU A 134 5.39 -19.28 -1.25
C GLU A 134 6.67 -19.27 -0.43
N LEU A 135 7.79 -19.59 -1.08
CA LEU A 135 9.08 -19.76 -0.42
C LEU A 135 10.13 -18.91 -1.12
N TYR A 136 11.05 -18.36 -0.33
CA TYR A 136 12.14 -17.54 -0.82
C TYR A 136 13.42 -17.98 -0.14
N VAL A 137 14.51 -17.99 -0.89
CA VAL A 137 15.81 -18.48 -0.43
C VAL A 137 16.83 -17.36 -0.56
N ASN A 138 17.52 -17.05 0.53
CA ASN A 138 18.53 -16.00 0.57
C ASN A 138 19.81 -16.52 1.19
N ILE A 139 20.93 -15.97 0.74
CA ILE A 139 22.24 -16.26 1.30
C ILE A 139 22.75 -14.97 1.95
N ILE A 140 22.80 -14.97 3.28
CA ILE A 140 23.14 -13.78 4.05
C ILE A 140 24.37 -14.10 4.90
N GLU A 141 25.53 -13.63 4.44
CA GLU A 141 26.80 -13.79 5.17
C GLU A 141 27.04 -15.26 5.51
N ASN A 142 27.19 -16.07 4.46
CA ASN A 142 27.53 -17.48 4.57
C ASN A 142 26.51 -18.26 5.39
N ARG A 143 25.24 -17.85 5.31
CA ARG A 143 24.15 -18.57 5.96
C ARG A 143 22.99 -18.70 4.98
N ILE A 144 22.20 -19.75 5.15
CA ILE A 144 21.08 -20.05 4.27
C ILE A 144 19.78 -19.73 5.02
N SER A 145 19.01 -18.79 4.49
CA SER A 145 17.74 -18.38 5.10
C SER A 145 16.60 -18.70 4.14
N ILE A 146 15.51 -19.22 4.69
CA ILE A 146 14.33 -19.57 3.91
C ILE A 146 13.12 -18.89 4.55
N GLY A 147 12.44 -18.06 3.78
CA GLY A 147 11.22 -17.37 4.24
C GLY A 147 10.00 -17.92 3.54
N PHE A 148 8.89 -18.01 4.28
CA PHE A 148 7.67 -18.62 3.77
C PHE A 148 6.46 -17.76 4.09
N HIS A 149 5.51 -17.70 3.15
CA HIS A 149 4.30 -16.90 3.27
C HIS A 149 3.09 -17.70 2.82
N LEU A 150 2.00 -17.58 3.56
CA LEU A 150 0.77 -18.32 3.27
C LEU A 150 -0.27 -17.41 2.63
N THR A 151 -1.03 -17.97 1.68
CA THR A 151 -2.03 -17.24 0.92
C THR A 151 -3.17 -18.22 0.61
N HIS A 152 -4.15 -17.76 -0.14
CA HIS A 152 -5.26 -18.57 -0.60
C HIS A 152 -5.38 -18.46 -2.11
N GLN A 153 -6.27 -19.26 -2.69
CA GLN A 153 -6.54 -19.23 -4.12
C GLN A 153 -8.01 -19.51 -4.37
N PHE A 154 -8.53 -18.93 -5.44
CA PHE A 154 -9.94 -19.05 -5.81
C PHE A 154 -10.07 -19.77 -7.15
N GLU A 155 -11.09 -20.62 -7.27
CA GLU A 155 -11.40 -21.24 -8.56
C GLU A 155 -12.89 -21.48 -8.70
N TYR A 156 -13.32 -21.68 -9.95
CA TYR A 156 -14.65 -22.18 -10.27
C TYR A 156 -14.61 -23.67 -10.58
N VAL A 157 -15.55 -24.41 -10.00
CA VAL A 157 -15.58 -25.85 -10.15
C VAL A 157 -16.01 -26.28 -11.55
N TYR A 158 -16.73 -25.43 -12.28
CA TYR A 158 -17.31 -25.79 -13.57
C TYR A 158 -16.55 -25.10 -14.69
N THR A 159 -16.17 -25.87 -15.71
CA THR A 159 -15.54 -25.33 -16.90
C THR A 159 -16.61 -24.89 -17.90
N LEU A 160 -16.20 -24.55 -19.12
CA LEU A 160 -17.15 -24.04 -20.10
C LEU A 160 -18.11 -25.11 -20.58
N GLN A 161 -17.65 -26.36 -20.67
CA GLN A 161 -18.52 -27.43 -21.18
C GLN A 161 -19.73 -27.64 -20.28
N SER A 162 -19.53 -27.59 -18.97
CA SER A 162 -20.66 -27.79 -18.05
C SER A 162 -21.68 -26.67 -18.20
N MET A 163 -21.23 -25.43 -18.36
CA MET A 163 -22.16 -24.32 -18.53
C MET A 163 -22.90 -24.40 -19.85
N ILE A 164 -22.21 -24.77 -20.93
CA ILE A 164 -22.88 -24.92 -22.22
C ILE A 164 -23.92 -26.04 -22.16
N GLU A 165 -23.55 -27.17 -21.55
CA GLU A 165 -24.47 -28.29 -21.44
C GLU A 165 -25.69 -27.95 -20.61
N GLN A 166 -25.58 -27.03 -19.66
CA GLN A 166 -26.74 -26.53 -18.91
C GLN A 166 -27.52 -25.47 -19.66
N GLY A 167 -27.29 -25.32 -20.96
CA GLY A 167 -28.02 -24.34 -21.75
C GLY A 167 -27.72 -22.90 -21.40
N LYS A 168 -26.48 -22.59 -21.06
CA LYS A 168 -26.06 -21.22 -20.78
C LYS A 168 -25.30 -20.65 -21.97
N THR A 169 -25.23 -19.33 -22.01
CA THR A 169 -24.54 -18.61 -23.07
C THR A 169 -23.24 -18.02 -22.54
N ILE A 170 -22.26 -17.89 -23.43
CA ILE A 170 -20.95 -17.36 -23.10
C ILE A 170 -20.75 -16.08 -23.90
N ARG A 171 -20.53 -14.97 -23.19
CA ARG A 171 -20.32 -13.69 -23.84
C ARG A 171 -18.93 -13.62 -24.47
N PRO A 172 -18.79 -12.87 -25.57
CA PRO A 172 -17.46 -12.70 -26.16
C PRO A 172 -16.47 -11.97 -25.26
N GLY A 173 -16.95 -11.20 -24.29
CA GLY A 173 -16.08 -10.40 -23.45
C GLY A 173 -15.76 -11.00 -22.09
N MET A 174 -15.97 -12.30 -21.94
CA MET A 174 -15.71 -12.95 -20.66
C MET A 174 -14.22 -13.00 -20.37
N ARG A 175 -13.90 -13.13 -19.09
CA ARG A 175 -12.51 -13.32 -18.64
C ARG A 175 -12.24 -14.82 -18.54
N VAL A 176 -11.27 -15.30 -19.32
CA VAL A 176 -11.02 -16.73 -19.48
C VAL A 176 -9.60 -17.03 -19.03
N VAL A 177 -9.44 -18.09 -18.23
CA VAL A 177 -8.15 -18.50 -17.70
C VAL A 177 -7.97 -19.99 -17.98
N HIS A 178 -6.73 -20.37 -18.27
CA HIS A 178 -6.35 -21.75 -18.56
C HIS A 178 -5.41 -22.24 -17.47
N SER A 179 -5.69 -23.41 -16.91
CA SER A 179 -4.92 -23.96 -15.80
C SER A 179 -3.92 -24.97 -16.36
N ASN A 180 -2.68 -24.51 -16.57
CA ASN A 180 -1.61 -25.38 -17.07
C ASN A 180 -0.32 -25.05 -16.31
N GLY A 181 -0.12 -25.74 -15.18
CA GLY A 181 1.10 -25.58 -14.43
C GLY A 181 1.33 -24.15 -13.97
N ARG A 182 2.59 -23.71 -14.06
CA ARG A 182 2.96 -22.37 -13.64
C ARG A 182 2.63 -21.31 -14.69
N GLN A 183 2.41 -21.71 -15.95
CA GLN A 183 2.21 -20.74 -17.01
C GLN A 183 0.96 -19.89 -16.77
N HIS A 184 -0.13 -20.52 -16.33
CA HIS A 184 -1.36 -19.83 -15.97
C HIS A 184 -1.95 -19.12 -17.18
N TYR A 185 -1.73 -17.81 -17.30
CA TYR A 185 -2.20 -16.99 -18.41
C TYR A 185 -3.71 -16.77 -18.35
N THR A 186 -4.16 -15.57 -18.69
CA THR A 186 -5.58 -15.23 -18.72
C THR A 186 -5.94 -14.64 -20.08
N TYR A 187 -7.19 -14.87 -20.49
CA TYR A 187 -7.67 -14.37 -21.76
C TYR A 187 -8.83 -13.41 -21.56
N SER A 227 -18.38 -29.78 -26.09
CA SER A 227 -18.71 -30.06 -27.48
C SER A 227 -17.55 -29.70 -28.40
N THR A 228 -16.37 -29.56 -27.82
CA THR A 228 -15.13 -29.27 -28.56
C THR A 228 -15.28 -28.01 -29.42
N ARG A 229 -15.93 -27.00 -28.86
CA ARG A 229 -16.06 -25.72 -29.56
C ARG A 229 -14.71 -25.04 -29.67
N VAL A 230 -14.54 -24.28 -30.76
CA VAL A 230 -13.32 -23.50 -30.97
C VAL A 230 -13.55 -22.11 -30.41
N ILE A 231 -12.70 -21.70 -29.47
CA ILE A 231 -12.82 -20.42 -28.79
C ILE A 231 -11.69 -19.52 -29.28
N HIS A 232 -12.04 -18.32 -29.75
CA HIS A 232 -11.06 -17.33 -30.18
C HIS A 232 -10.79 -16.39 -29.02
N VAL A 233 -9.68 -16.62 -28.32
CA VAL A 233 -9.31 -15.86 -27.14
C VAL A 233 -8.23 -14.85 -27.52
N ARG A 234 -8.40 -13.61 -27.07
CA ARG A 234 -7.47 -12.52 -27.38
C ARG A 234 -6.63 -12.22 -26.14
N THR A 235 -5.52 -12.94 -25.99
CA THR A 235 -4.55 -12.58 -24.96
C THR A 235 -3.96 -11.20 -25.23
N LYS A 236 -3.45 -11.00 -26.45
CA LYS A 236 -2.94 -9.71 -26.90
C LYS A 236 -2.73 -9.75 -28.40
N GLU A 237 -3.28 -8.76 -29.11
CA GLU A 237 -3.15 -8.68 -30.57
C GLU A 237 -3.67 -9.93 -31.25
N GLN A 238 -2.76 -10.82 -31.65
CA GLN A 238 -3.15 -12.02 -32.38
C GLN A 238 -4.02 -12.93 -31.51
N ARG A 239 -5.02 -13.54 -32.14
CA ARG A 239 -5.94 -14.43 -31.44
C ARG A 239 -5.30 -15.80 -31.24
N LEU A 240 -5.92 -16.58 -30.35
CA LEU A 240 -5.53 -17.96 -30.09
C LEU A 240 -6.78 -18.82 -30.10
N SER A 241 -6.60 -20.10 -30.43
CA SER A 241 -7.71 -21.04 -30.55
C SER A 241 -7.54 -22.16 -29.53
N TYR A 242 -8.64 -22.51 -28.88
CA TYR A 242 -8.66 -23.59 -27.90
C TYR A 242 -9.97 -24.36 -28.03
N ALA A 243 -9.96 -25.58 -27.48
CA ALA A 243 -11.04 -26.54 -27.64
C ALA A 243 -12.18 -26.32 -26.65
N ALA A 244 -12.32 -25.12 -26.10
CA ALA A 244 -13.36 -24.76 -25.14
C ALA A 244 -13.31 -25.59 -23.87
N THR A 245 -12.25 -26.37 -23.67
CA THR A 245 -12.04 -27.14 -22.46
C THR A 245 -10.80 -26.63 -21.75
N LEU A 246 -10.74 -26.90 -20.45
CA LEU A 246 -9.68 -26.39 -19.57
C LEU A 246 -9.63 -24.87 -19.54
N LEU A 247 -10.72 -24.23 -19.96
CA LEU A 247 -10.85 -22.77 -19.92
C LEU A 247 -12.00 -22.43 -18.98
N LYS A 248 -11.74 -21.60 -17.98
CA LYS A 248 -12.75 -21.29 -16.99
C LYS A 248 -12.81 -19.78 -16.76
N PRO A 249 -13.95 -19.25 -16.34
CA PRO A 249 -14.01 -17.83 -15.99
C PRO A 249 -13.25 -17.55 -14.71
N LEU A 250 -12.70 -16.33 -14.64
CA LEU A 250 -11.93 -15.94 -13.46
C LEU A 250 -12.81 -15.91 -12.22
N CYS A 251 -12.16 -16.06 -11.07
CA CYS A 251 -12.82 -15.99 -9.76
C CYS A 251 -12.38 -14.75 -9.00
N THR A 252 -12.24 -13.63 -9.70
CA THR A 252 -11.92 -12.37 -9.07
C THR A 252 -13.14 -11.81 -8.33
N PHE A 253 -12.87 -10.93 -7.36
CA PHE A 253 -13.97 -10.28 -6.64
C PHE A 253 -14.82 -9.43 -7.57
N GLU A 254 -14.23 -8.91 -8.65
CA GLU A 254 -14.98 -8.06 -9.58
C GLU A 254 -16.13 -8.82 -10.23
N THR A 255 -15.88 -10.05 -10.65
CA THR A 255 -16.82 -10.80 -11.47
C THR A 255 -17.68 -11.76 -10.65
N MET A 256 -17.59 -11.73 -9.32
CA MET A 256 -18.45 -12.58 -8.51
C MET A 256 -19.84 -11.96 -8.40
N GLN A 257 -20.69 -12.63 -7.63
CA GLN A 257 -22.05 -12.20 -7.36
C GLN A 257 -22.32 -12.30 -5.86
N PRO A 258 -23.25 -11.50 -5.34
CA PRO A 258 -23.49 -11.49 -3.89
C PRO A 258 -23.91 -12.86 -3.36
N GLN A 259 -23.95 -12.95 -2.02
CA GLN A 259 -24.22 -14.16 -1.26
C GLN A 259 -23.02 -15.08 -1.30
N ASP A 260 -22.02 -14.73 -2.12
CA ASP A 260 -20.75 -15.44 -2.16
C ASP A 260 -19.60 -14.59 -1.64
N VAL A 261 -19.51 -13.34 -2.08
CA VAL A 261 -18.42 -12.46 -1.64
C VAL A 261 -18.44 -12.28 -0.13
N LEU A 262 -19.63 -12.12 0.45
CA LEU A 262 -19.75 -11.95 1.89
C LEU A 262 -19.23 -13.16 2.65
N ASN A 263 -19.23 -14.34 2.03
CA ASN A 263 -18.70 -15.54 2.65
C ASN A 263 -17.26 -15.83 2.26
N VAL A 264 -16.87 -15.53 1.01
CA VAL A 264 -15.48 -15.67 0.60
C VAL A 264 -14.57 -14.77 1.44
N SER A 265 -14.99 -13.51 1.62
CA SER A 265 -14.21 -12.59 2.44
C SER A 265 -14.13 -13.06 3.88
N LYS A 266 -15.23 -13.60 4.41
CA LYS A 266 -15.21 -14.14 5.76
C LYS A 266 -14.26 -15.32 5.88
N CYS A 267 -14.17 -16.14 4.83
CA CYS A 267 -13.31 -17.32 4.88
C CYS A 267 -11.83 -16.94 4.79
N ILE A 268 -11.48 -16.02 3.89
CA ILE A 268 -10.07 -15.68 3.69
C ILE A 268 -9.52 -14.72 4.74
N LYS A 269 -10.39 -14.13 5.58
CA LYS A 269 -9.94 -13.25 6.65
C LYS A 269 -9.99 -14.02 7.97
N LEU A 270 -8.93 -14.77 8.23
CA LEU A 270 -8.83 -15.59 9.43
C LEU A 270 -7.78 -15.01 10.38
N SER A 271 -7.87 -15.41 11.64
CA SER A 271 -7.10 -14.79 12.71
C SER A 271 -5.60 -14.97 12.50
N ALA A 272 -4.83 -14.22 13.29
CA ALA A 272 -3.38 -14.33 13.24
C ALA A 272 -2.90 -15.69 13.72
N SER A 273 -3.53 -16.21 14.78
CA SER A 273 -3.12 -17.50 15.32
C SER A 273 -3.26 -18.60 14.28
N LYS A 274 -4.40 -18.65 13.59
CA LYS A 274 -4.60 -19.67 12.57
C LYS A 274 -3.64 -19.48 11.40
N ARG A 275 -3.44 -18.23 10.97
CA ARG A 275 -2.56 -17.96 9.83
C ARG A 275 -1.13 -18.39 10.13
N MET A 276 -0.67 -18.18 11.36
CA MET A 276 0.67 -18.62 11.72
C MET A 276 0.74 -20.13 11.93
N LYS A 277 -0.25 -20.71 12.60
CA LYS A 277 -0.20 -22.13 12.93
C LYS A 277 -0.26 -23.01 11.69
N CYS A 278 -1.12 -22.67 10.73
CA CYS A 278 -1.19 -23.45 9.50
C CYS A 278 0.13 -23.42 8.74
N THR A 279 0.73 -22.23 8.65
CA THR A 279 1.99 -22.07 7.93
C THR A 279 3.09 -22.88 8.60
N TYR A 280 3.19 -22.78 9.93
CA TYR A 280 4.24 -23.51 10.65
C TYR A 280 4.01 -25.02 10.56
N ARG A 281 2.75 -25.46 10.61
CA ARG A 281 2.45 -26.88 10.50
C ARG A 281 2.88 -27.42 9.14
N TRP A 282 2.53 -26.72 8.06
CA TRP A 282 2.92 -27.20 6.74
C TRP A 282 4.43 -27.15 6.57
N ILE A 283 5.08 -26.13 7.12
CA ILE A 283 6.53 -26.03 6.98
C ILE A 283 7.24 -27.16 7.74
N GLN A 284 6.75 -27.48 8.94
CA GLN A 284 7.31 -28.60 9.69
C GLN A 284 7.08 -29.92 8.96
N GLN A 285 5.89 -30.11 8.36
CA GLN A 285 5.66 -31.31 7.58
C GLN A 285 6.61 -31.38 6.39
N LEU A 286 6.87 -30.25 5.74
CA LEU A 286 7.81 -30.24 4.62
C LEU A 286 9.23 -30.57 5.06
N ARG A 287 9.66 -30.00 6.19
CA ARG A 287 11.02 -30.23 6.66
C ARG A 287 11.24 -31.61 7.27
N ALA A 288 10.15 -32.27 7.71
CA ALA A 288 10.29 -33.62 8.25
C ALA A 288 10.70 -34.63 7.21
N GLN A 289 10.66 -34.28 5.91
CA GLN A 289 11.07 -35.17 4.84
C GLN A 289 11.96 -34.46 3.82
N TYR A 290 12.85 -33.59 4.30
CA TYR A 290 13.83 -32.90 3.47
C TYR A 290 15.21 -33.18 4.05
N ARG A 291 16.14 -33.59 3.19
CA ARG A 291 17.42 -34.11 3.66
C ARG A 291 18.62 -33.32 3.16
N HIS A 292 18.44 -32.33 2.29
CA HIS A 292 19.57 -31.55 1.79
C HIS A 292 20.06 -30.52 2.81
N LEU A 293 19.22 -30.13 3.76
CA LEU A 293 19.59 -29.17 4.79
C LEU A 293 18.97 -29.59 6.11
N THR A 294 19.55 -29.10 7.20
CA THR A 294 19.08 -29.40 8.54
C THR A 294 18.79 -28.10 9.28
N PHE A 295 17.89 -28.18 10.25
CA PHE A 295 17.48 -27.03 11.04
C PHE A 295 17.30 -27.45 12.49
N ALA A 296 17.19 -26.44 13.36
CA ALA A 296 16.97 -26.68 14.77
C ALA A 296 15.57 -27.26 15.00
N PRO A 297 15.31 -27.83 16.18
CA PRO A 297 13.95 -28.30 16.47
C PRO A 297 12.90 -27.19 16.38
N ASN A 298 13.26 -25.96 16.74
CA ASN A 298 12.39 -24.80 16.60
C ASN A 298 13.15 -23.72 15.86
N PRO A 299 13.14 -23.73 14.53
CA PRO A 299 13.90 -22.75 13.75
C PRO A 299 13.22 -21.40 13.59
N PHE A 300 12.07 -21.19 14.24
CA PHE A 300 11.20 -20.07 13.90
C PHE A 300 11.38 -18.86 14.81
N THR A 301 11.89 -19.04 16.02
CA THR A 301 12.13 -17.91 16.91
C THR A 301 13.21 -16.99 16.35
N ILE A 302 13.17 -15.72 16.77
CA ILE A 302 14.15 -14.76 16.27
C ILE A 302 15.54 -15.04 16.81
N ALA A 303 15.65 -15.76 17.93
CA ALA A 303 16.95 -16.12 18.48
C ALA A 303 17.70 -17.05 17.54
N GLN A 304 16.99 -17.99 16.92
CA GLN A 304 17.62 -18.87 15.93
C GLN A 304 18.08 -18.10 14.70
N ASN A 305 17.33 -17.06 14.31
CA ASN A 305 17.77 -16.16 13.27
C ASN A 305 18.70 -15.11 13.89
N GLY A 306 19.19 -14.19 13.07
CA GLY A 306 20.05 -13.14 13.57
C GLY A 306 19.32 -11.86 13.92
N TYR A 307 18.22 -11.98 14.67
CA TYR A 307 17.33 -10.86 14.93
C TYR A 307 17.39 -10.44 16.38
N LYS A 308 17.48 -9.14 16.61
CA LYS A 308 17.40 -8.54 17.93
C LYS A 308 16.14 -7.70 18.04
N LEU A 309 15.55 -7.68 19.23
CA LEU A 309 14.24 -7.12 19.48
C LEU A 309 14.34 -5.71 20.03
N ASP A 310 13.56 -4.79 19.45
CA ASP A 310 13.45 -3.41 19.93
C ASP A 310 11.98 -3.05 20.06
N GLN A 311 11.67 -2.21 21.04
CA GLN A 311 10.30 -1.76 21.28
C GLN A 311 10.28 -0.25 21.38
N LEU A 312 9.71 0.40 20.37
CA LEU A 312 9.56 1.84 20.35
C LEU A 312 8.32 2.27 21.11
N SER A 313 8.18 3.58 21.33
CA SER A 313 7.11 4.12 22.15
C SER A 313 6.36 5.20 21.38
N THR A 314 5.11 5.43 21.79
CA THR A 314 4.25 6.39 21.12
C THR A 314 4.73 7.82 21.39
N PRO A 315 4.87 8.65 20.36
CA PRO A 315 5.31 10.04 20.58
C PRO A 315 4.23 10.89 21.22
N LYS A 316 4.54 12.18 21.43
CA LYS A 316 3.59 13.15 21.96
C LYS A 316 3.30 14.19 20.89
N VAL A 317 2.03 14.54 20.73
CA VAL A 317 1.59 15.52 19.75
C VAL A 317 1.28 16.83 20.46
N HIS A 318 1.53 17.95 19.78
CA HIS A 318 1.44 19.28 20.38
C HIS A 318 0.47 20.13 19.57
N PHE A 319 -0.68 20.44 20.17
CA PHE A 319 -1.65 21.37 19.59
C PHE A 319 -1.46 22.78 20.15
N HIS A 320 -1.65 22.94 21.45
CA HIS A 320 -1.23 24.13 22.18
C HIS A 320 -0.56 23.76 23.49
N ARG A 321 -0.47 22.47 23.80
CA ARG A 321 0.31 21.91 24.89
C ARG A 321 0.80 20.55 24.41
N ASP A 322 1.23 19.70 25.33
CA ASP A 322 1.67 18.36 24.99
C ASP A 322 0.52 17.39 25.20
N TYR A 323 0.17 16.64 24.15
CA TYR A 323 -0.93 15.68 24.18
C TYR A 323 -0.40 14.30 23.86
N ALA A 324 -0.92 13.30 24.59
CA ALA A 324 -0.49 11.93 24.37
C ALA A 324 -0.91 11.42 22.99
N THR A 325 -2.15 11.66 22.59
CA THR A 325 -2.70 11.12 21.37
C THR A 325 -3.37 12.21 20.55
N VAL A 326 -3.49 11.96 19.25
CA VAL A 326 -4.19 12.87 18.35
C VAL A 326 -5.67 12.92 18.69
N VAL A 327 -6.25 11.79 19.07
CA VAL A 327 -7.68 11.71 19.36
C VAL A 327 -8.05 12.65 20.50
N SER A 328 -7.28 12.60 21.59
CA SER A 328 -7.52 13.48 22.73
C SER A 328 -7.11 14.91 22.48
N GLY A 329 -6.40 15.19 21.38
CA GLY A 329 -6.04 16.54 21.04
C GLY A 329 -7.09 17.23 20.19
N MET A 330 -7.63 16.51 19.21
CA MET A 330 -8.77 17.05 18.45
C MET A 330 -9.97 17.29 19.34
N LYS A 331 -10.28 16.33 20.21
CA LYS A 331 -11.42 16.45 21.12
C LYS A 331 -10.98 17.21 22.36
N THR A 332 -11.64 18.34 22.62
CA THR A 332 -11.30 19.25 23.73
C THR A 332 -9.84 19.71 23.62
N GLY A 333 -9.55 20.42 22.54
CA GLY A 333 -8.23 20.95 22.30
C GLY A 333 -8.16 21.89 21.12
N LYS A 334 -7.31 22.91 21.20
CA LYS A 334 -7.19 23.89 20.13
C LYS A 334 -6.28 23.34 19.02
N LEU A 335 -5.88 24.19 18.09
CA LEU A 335 -5.08 23.81 16.95
C LEU A 335 -3.76 24.56 16.97
N TYR A 336 -2.75 23.97 16.33
CA TYR A 336 -1.41 24.53 16.39
C TYR A 336 -1.32 25.85 15.63
N LYS A 337 -1.83 25.89 14.40
CA LYS A 337 -1.76 27.09 13.56
C LYS A 337 -3.14 27.28 12.89
N GLY A 338 -4.01 28.03 13.56
CA GLY A 338 -5.32 28.32 13.04
C GLY A 338 -5.30 29.46 12.04
N GLY A 339 -6.50 29.92 11.69
CA GLY A 339 -6.62 31.01 10.74
C GLY A 339 -8.06 31.22 10.34
N ASN A 340 -8.24 31.96 9.24
CA ASN A 340 -9.55 32.27 8.69
C ASN A 340 -9.70 31.58 7.35
N ILE A 341 -10.85 30.94 7.13
CA ILE A 341 -11.11 30.21 5.89
C ILE A 341 -12.43 30.70 5.32
N LYS A 342 -12.46 30.93 4.01
CA LYS A 342 -13.69 31.24 3.29
C LYS A 342 -14.04 30.06 2.40
N ILE A 343 -15.24 29.53 2.56
CA ILE A 343 -15.67 28.31 1.89
C ILE A 343 -16.87 28.64 1.00
N SER A 344 -16.85 28.13 -0.23
CA SER A 344 -17.95 28.27 -1.17
C SER A 344 -18.60 26.92 -1.39
N VAL A 345 -19.92 26.90 -1.50
CA VAL A 345 -20.69 25.67 -1.59
C VAL A 345 -21.04 25.40 -3.05
N LEU A 346 -21.08 24.12 -3.40
CA LEU A 346 -21.48 23.67 -4.72
C LEU A 346 -22.61 22.67 -4.56
N PHE A 347 -23.69 22.86 -5.33
CA PHE A 347 -24.90 22.06 -5.20
C PHE A 347 -25.38 21.63 -6.57
N ASP A 348 -26.21 20.59 -6.59
CA ASP A 348 -26.81 20.09 -7.82
C ASP A 348 -28.29 19.82 -7.59
N GLU A 349 -29.07 19.92 -8.68
CA GLU A 349 -30.50 19.64 -8.57
C GLU A 349 -30.76 18.17 -8.34
N ASP A 350 -29.93 17.30 -8.91
CA ASP A 350 -30.16 15.86 -8.82
C ASP A 350 -30.07 15.36 -7.38
N PHE A 351 -29.29 16.04 -6.54
CA PHE A 351 -29.21 15.67 -5.13
C PHE A 351 -30.51 15.95 -4.41
N TYR A 352 -31.37 16.79 -4.99
CA TYR A 352 -32.71 17.09 -4.48
C TYR A 352 -33.81 16.34 -5.21
N LEU A 353 -33.71 16.23 -6.54
CA LEU A 353 -34.75 15.54 -7.30
C LEU A 353 -34.79 14.05 -6.94
N LYS A 354 -33.64 13.38 -6.99
CA LYS A 354 -33.60 11.96 -6.69
C LYS A 354 -33.68 11.69 -5.19
N HIS A 355 -33.07 12.53 -4.37
CA HIS A 355 -32.99 12.34 -2.94
C HIS A 355 -33.62 13.52 -2.22
N HIS A 356 -34.42 13.24 -1.19
CA HIS A 356 -35.25 14.25 -0.53
C HIS A 356 -34.41 15.05 0.45
N ILE A 357 -33.52 15.87 -0.10
CA ILE A 357 -32.67 16.77 0.68
C ILE A 357 -32.74 18.16 0.07
N THR A 358 -32.96 19.16 0.90
CA THR A 358 -33.07 20.55 0.47
C THR A 358 -31.88 21.36 0.96
N LYS A 359 -31.62 22.49 0.28
CA LYS A 359 -30.44 23.28 0.57
C LYS A 359 -30.39 23.79 2.00
N LYS A 360 -31.53 23.87 2.68
CA LYS A 360 -31.52 24.27 4.08
C LYS A 360 -30.77 23.25 4.92
N ASP A 361 -30.92 21.96 4.63
CA ASP A 361 -30.18 20.93 5.35
C ASP A 361 -28.68 21.06 5.10
N ILE A 362 -28.28 21.28 3.85
CA ILE A 362 -26.86 21.44 3.54
C ILE A 362 -26.29 22.66 4.27
N TYR A 363 -27.02 23.77 4.27
CA TYR A 363 -26.51 24.97 4.93
C TYR A 363 -26.49 24.85 6.44
N GLN A 364 -27.45 24.17 7.07
CA GLN A 364 -27.36 23.95 8.50
C GLN A 364 -26.24 22.96 8.85
N PHE A 365 -25.98 21.99 7.98
CA PHE A 365 -24.81 21.12 8.15
C PHE A 365 -23.52 21.92 8.09
N ILE A 366 -23.43 22.86 7.14
CA ILE A 366 -22.25 23.71 7.03
C ILE A 366 -22.12 24.61 8.25
N ALA A 367 -23.23 25.11 8.78
CA ALA A 367 -23.18 25.92 9.99
C ALA A 367 -22.69 25.10 11.18
N VAL A 368 -23.16 23.85 11.30
CA VAL A 368 -22.69 22.97 12.36
C VAL A 368 -21.20 22.74 12.24
N LEU A 369 -20.70 22.52 11.02
CA LEU A 369 -19.26 22.38 10.82
C LEU A 369 -18.51 23.65 11.19
N GLN A 370 -19.02 24.81 10.80
CA GLN A 370 -18.34 26.07 11.11
C GLN A 370 -18.25 26.31 12.62
N LYS A 371 -19.31 26.00 13.36
CA LYS A 371 -19.26 26.23 14.80
C LYS A 371 -18.46 25.16 15.53
N ILE A 372 -18.47 23.91 15.05
CA ILE A 372 -17.54 22.92 15.59
C ILE A 372 -16.10 23.39 15.35
N ALA A 373 -15.84 24.00 14.19
CA ALA A 373 -14.51 24.52 13.90
C ALA A 373 -14.16 25.70 14.80
N ILE A 374 -15.09 26.61 15.03
CA ILE A 374 -14.83 27.75 15.91
C ILE A 374 -14.69 27.31 17.36
N ALA A 375 -15.20 26.14 17.71
CA ALA A 375 -14.94 25.58 19.03
C ALA A 375 -13.49 25.18 19.22
N GLN A 376 -12.70 25.13 18.15
CA GLN A 376 -11.28 24.76 18.23
C GLN A 376 -10.35 25.85 17.68
N GLY A 377 -10.87 27.05 17.42
CA GLY A 377 -10.02 28.16 17.07
C GLY A 377 -9.82 28.44 15.59
N VAL A 378 -10.79 28.08 14.75
CA VAL A 378 -10.75 28.41 13.33
C VAL A 378 -12.14 28.82 12.88
N ASN A 379 -12.21 29.87 12.08
CA ASN A 379 -13.49 30.44 11.64
C ASN A 379 -13.61 30.33 10.12
N MET A 380 -14.77 29.84 9.66
CA MET A 380 -15.08 29.73 8.24
C MET A 380 -16.27 30.61 7.90
N THR A 381 -16.16 31.32 6.79
CA THR A 381 -17.19 32.23 6.30
C THR A 381 -17.66 31.76 4.93
N ILE A 382 -18.96 31.76 4.70
CA ILE A 382 -19.52 31.31 3.43
C ILE A 382 -19.37 32.42 2.40
N SER A 383 -18.78 32.09 1.26
CA SER A 383 -18.65 33.03 0.17
C SER A 383 -20.02 33.35 -0.42
N THR A 384 -20.15 34.57 -0.95
CA THR A 384 -21.41 35.03 -1.53
C THR A 384 -21.38 35.09 -3.05
N SER A 385 -20.25 34.79 -3.68
CA SER A 385 -20.18 34.80 -5.14
C SER A 385 -21.01 33.69 -5.76
N THR A 386 -21.35 32.65 -4.99
CA THR A 386 -22.18 31.57 -5.50
C THR A 386 -23.67 31.88 -5.42
N LYS A 387 -24.06 32.95 -4.73
CA LYS A 387 -25.47 33.31 -4.64
C LYS A 387 -25.99 33.93 -5.94
N SER A 388 -25.09 34.48 -6.77
CA SER A 388 -25.54 35.07 -8.04
C SER A 388 -26.12 34.02 -8.96
N ILE A 389 -25.52 32.84 -9.01
CA ILE A 389 -25.99 31.75 -9.87
C ILE A 389 -26.79 30.79 -9.00
N THR A 390 -28.06 30.62 -9.33
CA THR A 390 -28.96 29.74 -8.60
C THR A 390 -29.68 28.83 -9.59
N GLY A 391 -29.77 27.55 -9.25
CA GLY A 391 -30.43 26.57 -10.08
C GLY A 391 -29.56 25.88 -11.10
N LYS A 392 -28.31 26.28 -11.23
CA LYS A 392 -27.40 25.64 -12.17
C LYS A 392 -26.93 24.31 -11.60
N PHE A 393 -26.07 23.62 -12.36
CA PHE A 393 -25.59 22.27 -12.02
C PHE A 393 -26.75 21.27 -12.01
N THR A 394 -27.49 21.25 -13.11
CA THR A 394 -28.58 20.30 -13.31
C THR A 394 -27.98 19.03 -13.92
N ASP A 395 -28.81 17.99 -14.10
CA ASP A 395 -28.31 16.74 -14.68
C ASP A 395 -27.78 16.98 -16.09
N ASP A 396 -28.42 17.86 -16.84
CA ASP A 396 -27.90 18.26 -18.15
C ASP A 396 -26.53 18.90 -18.04
N PHE A 397 -26.29 19.63 -16.95
CA PHE A 397 -24.95 20.16 -16.69
C PHE A 397 -23.95 19.03 -16.49
N PHE A 398 -24.36 17.96 -15.80
CA PHE A 398 -23.45 16.84 -15.59
C PHE A 398 -23.17 16.09 -16.88
N HIS A 399 -24.15 16.00 -17.78
CA HIS A 399 -23.86 15.48 -19.12
C HIS A 399 -23.09 16.47 -19.98
N HIS A 400 -22.92 17.72 -19.53
CA HIS A 400 -22.16 18.73 -20.26
C HIS A 400 -21.21 19.45 -19.33
N PHE A 401 -20.49 18.69 -18.51
CA PHE A 401 -19.56 19.28 -17.54
C PHE A 401 -18.42 20.01 -18.24
N THR A 402 -17.97 19.50 -19.39
CA THR A 402 -16.80 20.06 -20.05
C THR A 402 -17.04 21.50 -20.51
N GLU A 403 -18.21 21.78 -21.05
CA GLU A 403 -18.48 23.06 -21.69
C GLU A 403 -19.22 24.05 -20.80
N GLU A 404 -19.39 23.75 -19.52
CA GLU A 404 -20.11 24.63 -18.60
C GLU A 404 -19.32 24.86 -17.32
N VAL A 405 -18.01 25.06 -17.44
CA VAL A 405 -17.17 25.34 -16.27
C VAL A 405 -16.30 26.56 -16.54
N GLU A 406 -16.31 27.05 -17.78
CA GLU A 406 -15.48 28.20 -18.13
C GLU A 406 -15.94 29.45 -17.39
N ALA A 407 -17.25 29.64 -17.25
CA ALA A 407 -17.79 30.80 -16.56
C ALA A 407 -17.90 30.60 -15.05
N LEU A 408 -17.50 29.44 -14.53
CA LEU A 408 -17.62 29.13 -13.11
C LEU A 408 -16.38 29.52 -12.32
N GLN A 409 -15.25 29.77 -12.97
CA GLN A 409 -14.02 30.09 -12.25
C GLN A 409 -14.11 31.37 -11.41
N PRO A 410 -14.63 32.50 -11.91
CA PRO A 410 -14.56 33.73 -11.11
C PRO A 410 -15.27 33.67 -9.77
N ILE A 411 -16.33 32.86 -9.65
CA ILE A 411 -17.10 32.89 -8.40
C ILE A 411 -16.51 31.94 -7.35
N PHE A 412 -15.75 30.94 -7.77
CA PHE A 412 -15.19 29.96 -6.85
C PHE A 412 -13.72 30.21 -6.52
N ALA A 413 -13.14 31.31 -7.01
CA ALA A 413 -11.73 31.57 -6.78
C ALA A 413 -11.46 31.97 -5.33
N GLN A 414 -10.25 31.69 -4.86
CA GLN A 414 -9.79 32.08 -3.53
C GLN A 414 -10.68 31.51 -2.43
N THR A 415 -11.19 30.29 -2.63
CA THR A 415 -12.08 29.65 -1.68
C THR A 415 -11.85 28.15 -1.69
N THR A 416 -12.30 27.51 -0.61
CA THR A 416 -12.32 26.05 -0.51
C THR A 416 -13.72 25.59 -0.90
N VAL A 417 -13.83 24.95 -2.06
CA VAL A 417 -15.13 24.67 -2.68
C VAL A 417 -15.63 23.33 -2.16
N LEU A 418 -16.58 23.36 -1.24
CA LEU A 418 -17.29 22.14 -0.85
C LEU A 418 -18.22 21.72 -1.98
N ALA A 419 -18.26 20.43 -2.25
CA ALA A 419 -19.08 19.86 -3.31
C ALA A 419 -20.00 18.79 -2.74
N PHE A 420 -21.22 18.74 -3.26
CA PHE A 420 -22.24 17.80 -2.80
C PHE A 420 -22.82 17.03 -3.98
N ILE A 421 -21.95 16.56 -4.87
CA ILE A 421 -22.40 15.87 -6.07
C ILE A 421 -22.93 14.48 -5.72
N THR A 422 -23.78 13.95 -6.59
CA THR A 422 -24.37 12.63 -6.38
C THR A 422 -23.38 11.54 -6.76
N SER A 423 -23.37 10.46 -5.96
CA SER A 423 -22.43 9.38 -6.18
C SER A 423 -22.66 8.68 -7.52
N THR A 424 -23.91 8.49 -7.89
CA THR A 424 -24.22 7.89 -9.19
C THR A 424 -23.65 8.73 -10.33
N HIS A 425 -23.63 10.05 -10.17
CA HIS A 425 -22.98 10.92 -11.15
C HIS A 425 -21.46 10.87 -10.99
N LEU A 426 -20.97 10.66 -9.77
CA LEU A 426 -19.53 10.64 -9.53
C LEU A 426 -18.88 9.43 -10.20
N SER A 427 -19.54 8.27 -10.17
CA SER A 427 -18.94 7.03 -10.59
C SER A 427 -19.29 6.62 -12.02
N ASN A 428 -20.47 6.97 -12.52
CA ASN A 428 -20.89 6.53 -13.84
C ASN A 428 -19.95 7.07 -14.91
N LYS A 429 -19.62 6.21 -15.88
CA LYS A 429 -18.67 6.58 -16.92
C LYS A 429 -19.21 7.68 -17.82
N LYS A 430 -20.53 7.72 -18.02
CA LYS A 430 -21.12 8.78 -18.83
C LYS A 430 -20.94 10.14 -18.15
N THR A 431 -21.04 10.18 -16.82
CA THR A 431 -20.97 11.43 -16.07
C THR A 431 -19.60 11.67 -15.46
N ARG A 432 -19.04 10.67 -14.77
CA ARG A 432 -17.72 10.73 -14.11
C ARG A 432 -17.47 12.10 -13.46
N SER A 433 -18.36 12.45 -12.53
CA SER A 433 -18.34 13.77 -11.94
C SER A 433 -17.08 14.00 -11.10
N TYR A 434 -16.65 13.00 -10.33
CA TYR A 434 -15.49 13.18 -9.46
C TYR A 434 -14.23 13.47 -10.26
N GLN A 435 -13.95 12.64 -11.27
CA GLN A 435 -12.73 12.79 -12.05
C GLN A 435 -12.69 14.15 -12.74
N LEU A 436 -13.79 14.53 -13.40
CA LEU A 436 -13.82 15.81 -14.09
C LEU A 436 -13.73 16.97 -13.13
N LEU A 437 -14.47 16.91 -12.02
CA LEU A 437 -14.43 17.99 -11.03
C LEU A 437 -13.02 18.21 -10.52
N LYS A 438 -12.32 17.13 -10.15
CA LYS A 438 -10.98 17.29 -9.62
C LYS A 438 -10.01 17.78 -10.70
N GLN A 439 -10.04 17.14 -11.89
CA GLN A 439 -9.13 17.53 -12.95
C GLN A 439 -9.32 18.98 -13.39
N TYR A 440 -10.53 19.52 -13.22
CA TYR A 440 -10.73 20.94 -13.51
C TYR A 440 -10.28 21.81 -12.35
N PHE A 441 -10.92 21.63 -11.18
CA PHE A 441 -10.65 22.50 -10.05
C PHE A 441 -9.19 22.48 -9.64
N GLY A 442 -8.69 21.31 -9.20
CA GLY A 442 -7.32 21.24 -8.75
C GLY A 442 -6.33 21.23 -9.90
N GLY A 443 -6.73 20.67 -11.03
CA GLY A 443 -5.81 20.51 -12.15
C GLY A 443 -5.50 21.80 -12.89
N LYS A 444 -6.46 22.72 -12.96
CA LYS A 444 -6.29 23.93 -13.76
C LYS A 444 -6.31 25.20 -12.92
N TRP A 445 -7.34 25.40 -12.10
CA TRP A 445 -7.49 26.63 -11.33
C TRP A 445 -6.78 26.57 -9.98
N ASP A 446 -6.19 25.44 -9.62
CA ASP A 446 -5.50 25.26 -8.34
C ASP A 446 -6.42 25.58 -7.15
N ILE A 447 -7.67 25.16 -7.22
CA ILE A 447 -8.63 25.34 -6.14
C ILE A 447 -8.86 24.00 -5.46
N ALA A 448 -8.76 23.98 -4.14
CA ALA A 448 -8.94 22.76 -3.37
C ALA A 448 -10.42 22.55 -3.05
N SER A 449 -10.87 21.30 -3.20
CA SER A 449 -12.28 20.97 -3.04
C SER A 449 -12.43 19.70 -2.22
N GLN A 450 -13.58 19.58 -1.55
CA GLN A 450 -13.92 18.40 -0.78
C GLN A 450 -15.31 17.93 -1.18
N VAL A 451 -15.44 16.62 -1.43
CA VAL A 451 -16.65 16.02 -1.96
C VAL A 451 -17.40 15.31 -0.84
N ILE A 452 -18.71 15.51 -0.79
CA ILE A 452 -19.58 14.84 0.18
C ILE A 452 -20.74 14.23 -0.59
N THR A 453 -20.95 12.93 -0.41
CA THR A 453 -21.98 12.20 -1.13
C THR A 453 -23.25 12.08 -0.29
N GLU A 454 -24.22 11.32 -0.78
CA GLU A 454 -25.48 11.15 -0.06
C GLU A 454 -25.27 10.43 1.27
N LYS A 455 -24.53 9.32 1.25
CA LYS A 455 -24.50 8.41 2.39
C LYS A 455 -24.21 9.17 3.69
N THR A 456 -23.27 10.11 3.63
CA THR A 456 -23.05 10.99 4.77
C THR A 456 -24.31 11.75 5.14
N ILE A 457 -25.03 12.27 4.13
CA ILE A 457 -26.17 13.13 4.39
C ILE A 457 -27.30 12.35 5.05
N GLU A 458 -27.69 11.20 4.48
CA GLU A 458 -28.77 10.47 5.14
C GLU A 458 -28.32 9.77 6.42
N ALA A 459 -27.03 9.44 6.57
CA ALA A 459 -26.56 8.97 7.86
C ALA A 459 -26.72 10.04 8.92
N PHE A 460 -26.43 11.30 8.58
CA PHE A 460 -26.61 12.40 9.51
C PHE A 460 -28.10 12.64 9.79
N GLN A 461 -28.95 12.51 8.76
CA GLN A 461 -30.36 12.78 8.93
C GLN A 461 -31.10 11.67 9.68
N LYS A 462 -30.59 10.44 9.65
CA LYS A 462 -31.28 9.34 10.30
C LYS A 462 -31.34 9.54 11.81
N ILE A 463 -30.23 9.94 12.43
CA ILE A 463 -30.22 10.17 13.87
C ILE A 463 -31.08 11.38 14.22
N LEU A 464 -31.08 12.40 13.36
CA LEU A 464 -31.93 13.56 13.59
C LEU A 464 -33.41 13.16 13.59
N HIS A 465 -33.80 12.32 12.64
CA HIS A 465 -35.19 11.87 12.58
C HIS A 465 -35.51 10.91 13.72
N LYS A 466 -34.51 10.18 14.23
CA LYS A 466 -34.75 9.24 15.32
C LYS A 466 -35.19 9.96 16.59
N HIS A 467 -34.54 11.08 16.90
CA HIS A 467 -34.85 11.85 18.10
C HIS A 467 -35.89 12.94 17.86
N GLY A 468 -36.43 13.03 16.65
CA GLY A 468 -37.42 14.05 16.35
C GLY A 468 -36.90 15.46 16.40
N LEU A 469 -35.64 15.68 16.01
CA LEU A 469 -35.05 17.01 16.00
C LEU A 469 -35.30 17.75 14.69
N LYS A 470 -35.83 17.06 13.66
CA LYS A 470 -36.00 17.67 12.35
C LYS A 470 -36.98 18.82 12.40
N ASN A 471 -36.47 20.04 12.32
CA ASN A 471 -37.27 21.27 12.38
C ASN A 471 -36.36 22.43 11.98
N PHE A 472 -36.90 23.64 12.08
CA PHE A 472 -36.14 24.84 11.77
C PHE A 472 -35.06 25.03 12.84
N TYR A 473 -33.81 24.75 12.48
CA TYR A 473 -32.68 24.82 13.39
C TYR A 473 -31.58 25.71 12.81
N PRO A 474 -31.98 26.88 12.31
CA PRO A 474 -31.05 27.83 11.71
C PRO A 474 -30.79 28.98 12.67
N ASN A 475 -29.52 29.26 12.93
CA ASN A 475 -29.09 30.34 13.81
C ASN A 475 -29.71 30.22 15.20
N ASP A 476 -29.80 28.99 15.69
CA ASP A 476 -30.31 28.69 17.03
C ASP A 476 -29.16 28.08 17.84
N GLU A 477 -28.68 28.81 18.84
CA GLU A 477 -27.52 28.37 19.59
C GLU A 477 -27.83 27.12 20.42
N GLN A 478 -28.99 27.07 21.06
CA GLN A 478 -29.35 25.90 21.86
C GLN A 478 -29.58 24.68 20.97
N HIS A 479 -30.27 24.87 19.84
CA HIS A 479 -30.52 23.76 18.94
C HIS A 479 -29.22 23.21 18.35
N CYS A 480 -28.32 24.11 17.94
CA CYS A 480 -27.04 23.66 17.41
C CYS A 480 -26.19 23.00 18.51
N LEU A 481 -26.29 23.49 19.74
CA LEU A 481 -25.56 22.88 20.84
C LEU A 481 -26.04 21.44 21.09
N ARG A 482 -27.36 21.24 21.10
CA ARG A 482 -27.85 19.87 21.28
C ARG A 482 -27.56 19.00 20.06
N VAL A 483 -27.53 19.60 18.85
CA VAL A 483 -27.12 18.84 17.67
C VAL A 483 -25.68 18.36 17.82
N ILE A 484 -24.79 19.25 18.27
CA ILE A 484 -23.40 18.87 18.47
C ILE A 484 -23.28 17.81 19.56
N ASP A 485 -24.09 17.94 20.62
CA ASP A 485 -24.06 16.95 21.69
C ASP A 485 -24.50 15.58 21.21
N VAL A 486 -25.55 15.52 20.38
CA VAL A 486 -26.00 14.22 19.87
C VAL A 486 -25.13 13.73 18.72
N LEU A 487 -24.30 14.61 18.14
CA LEU A 487 -23.32 14.17 17.15
C LEU A 487 -22.04 13.62 17.79
N LYS A 488 -21.84 13.86 19.08
CA LYS A 488 -20.65 13.40 19.79
C LYS A 488 -20.86 12.05 20.46
N ASN A 489 -22.02 11.42 20.28
CA ASN A 489 -22.34 10.16 20.93
C ASN A 489 -22.41 9.00 19.93
N GLU A 490 -21.75 9.12 18.79
CA GLU A 490 -21.76 8.07 17.78
C GLU A 490 -20.52 8.22 16.90
N SER A 491 -20.34 7.25 16.00
CA SER A 491 -19.16 7.22 15.15
C SER A 491 -19.18 8.24 14.03
N PHE A 492 -20.30 8.92 13.82
CA PHE A 492 -20.37 9.93 12.76
C PHE A 492 -19.57 11.17 13.11
N TYR A 493 -19.24 11.35 14.39
CA TYR A 493 -18.36 12.44 14.79
C TYR A 493 -17.00 12.32 14.11
N TYR A 494 -16.50 11.10 13.95
CA TYR A 494 -15.25 10.90 13.24
C TYR A 494 -15.38 11.26 11.77
N THR A 495 -16.54 11.01 11.16
CA THR A 495 -16.78 11.46 9.79
C THR A 495 -16.72 12.98 9.70
N VAL A 496 -17.39 13.65 10.63
CA VAL A 496 -17.37 15.12 10.65
C VAL A 496 -15.94 15.62 10.83
N MET A 497 -15.18 15.00 11.73
CA MET A 497 -13.82 15.45 12.00
C MET A 497 -12.89 15.19 10.82
N ASN A 498 -13.11 14.09 10.10
CA ASN A 498 -12.32 13.82 8.90
C ASN A 498 -12.61 14.87 7.82
N ILE A 499 -13.89 15.23 7.65
CA ILE A 499 -14.25 16.27 6.69
C ILE A 499 -13.59 17.59 7.09
N LEU A 500 -13.67 17.93 8.38
CA LEU A 500 -13.08 19.18 8.86
C LEU A 500 -11.57 19.20 8.66
N LEU A 501 -10.91 18.07 8.95
CA LEU A 501 -9.46 18.00 8.77
C LEU A 501 -9.07 18.13 7.31
N GLY A 502 -9.85 17.51 6.41
CA GLY A 502 -9.60 17.70 5.00
C GLY A 502 -9.72 19.16 4.59
N VAL A 503 -10.76 19.84 5.09
CA VAL A 503 -10.94 21.26 4.79
C VAL A 503 -9.75 22.07 5.32
N TYR A 504 -9.33 21.78 6.55
CA TYR A 504 -8.21 22.49 7.16
C TYR A 504 -6.96 22.36 6.32
N VAL A 505 -6.57 21.12 6.01
CA VAL A 505 -5.32 20.91 5.29
C VAL A 505 -5.42 21.41 3.85
N LYS A 506 -6.62 21.45 3.28
CA LYS A 506 -6.78 22.07 1.97
C LYS A 506 -6.76 23.59 2.04
N SER A 507 -6.98 24.17 3.23
CA SER A 507 -6.99 25.62 3.40
C SER A 507 -5.77 26.13 4.14
N GLY A 508 -4.70 25.35 4.20
CA GLY A 508 -3.44 25.80 4.77
C GLY A 508 -3.33 25.70 6.27
N ILE A 509 -4.31 25.13 6.96
CA ILE A 509 -4.24 25.01 8.41
C ILE A 509 -3.28 23.88 8.76
N GLN A 510 -2.45 24.11 9.79
CA GLN A 510 -1.54 23.10 10.29
C GLN A 510 -2.10 22.53 11.59
N PRO A 511 -2.68 21.33 11.59
CA PRO A 511 -3.37 20.84 12.80
C PRO A 511 -2.44 20.64 13.99
N TRP A 512 -1.42 19.80 13.86
CA TRP A 512 -0.59 19.48 15.03
C TRP A 512 0.85 19.26 14.61
N ILE A 513 1.72 19.15 15.61
CA ILE A 513 3.14 18.87 15.44
C ILE A 513 3.56 17.82 16.46
N LEU A 514 4.81 17.39 16.37
CA LEU A 514 5.39 16.50 17.37
C LEU A 514 5.92 17.32 18.54
N ALA A 515 5.69 16.82 19.76
CA ALA A 515 6.17 17.52 20.94
C ALA A 515 7.69 17.53 21.00
N ASN A 516 8.34 16.42 20.66
CA ASN A 516 9.78 16.27 20.78
C ASN A 516 10.42 16.25 19.40
N THR A 517 11.52 16.96 19.26
CA THR A 517 12.27 16.96 18.01
C THR A 517 12.83 15.58 17.72
N THR A 518 12.83 15.21 16.45
CA THR A 518 13.41 13.94 16.03
C THR A 518 14.92 14.05 15.96
N HIS A 519 15.58 12.89 15.83
CA HIS A 519 17.03 12.86 15.72
C HIS A 519 17.55 13.49 14.44
N SER A 520 16.68 13.71 13.45
CA SER A 520 17.06 14.34 12.20
C SER A 520 16.33 15.66 12.04
N ASP A 521 16.97 16.60 11.34
CA ASP A 521 16.39 17.93 11.18
C ASP A 521 15.18 17.90 10.26
N CYS A 522 15.37 17.49 9.01
CA CYS A 522 14.29 17.50 8.03
C CYS A 522 14.28 16.18 7.27
N PHE A 523 13.12 15.89 6.68
CA PHE A 523 12.90 14.62 5.99
C PHE A 523 12.47 14.86 4.55
N ILE A 524 12.97 14.02 3.65
CA ILE A 524 12.53 13.96 2.27
C ILE A 524 11.80 12.63 2.08
N GLY A 525 10.71 12.66 1.32
CA GLY A 525 10.01 11.44 0.96
C GLY A 525 9.83 11.31 -0.54
N ILE A 526 10.12 10.13 -1.09
CA ILE A 526 10.04 9.91 -2.54
C ILE A 526 9.17 8.69 -2.81
N ASP A 527 8.32 8.79 -3.83
CA ASP A 527 7.55 7.65 -4.31
C ASP A 527 7.39 7.77 -5.81
N VAL A 528 7.35 6.63 -6.50
CA VAL A 528 7.26 6.59 -7.96
C VAL A 528 6.23 5.53 -8.35
N SER A 529 5.36 5.88 -9.28
CA SER A 529 4.35 4.97 -9.82
C SER A 529 4.48 4.86 -11.32
N HIS A 530 4.26 3.65 -11.84
CA HIS A 530 4.33 3.36 -13.28
C HIS A 530 2.97 2.85 -13.74
N GLU A 531 2.26 3.68 -14.51
CA GLU A 531 1.04 3.27 -15.19
C GLU A 531 1.18 3.49 -16.69
N ASN A 532 0.90 2.45 -17.46
CA ASN A 532 1.02 2.47 -18.92
C ASN A 532 2.46 2.86 -19.27
N GLY A 533 2.69 3.87 -20.09
CA GLY A 533 4.04 4.27 -20.44
C GLY A 533 4.63 5.31 -19.52
N ASN A 534 3.88 6.38 -19.26
CA ASN A 534 4.38 7.47 -18.43
C ASN A 534 4.46 7.03 -16.96
N SER A 535 5.27 7.75 -16.20
CA SER A 535 5.44 7.50 -14.77
C SER A 535 5.27 8.79 -14.00
N ALA A 536 4.80 8.66 -12.76
CA ALA A 536 4.56 9.80 -11.89
C ALA A 536 5.44 9.71 -10.65
N ALA A 537 5.81 10.88 -10.13
CA ALA A 537 6.64 10.96 -8.94
C ALA A 537 5.97 11.85 -7.90
N GLY A 538 5.88 11.36 -6.67
CA GLY A 538 5.35 12.11 -5.55
C GLY A 538 6.44 12.38 -4.53
N MET A 539 6.54 13.65 -4.13
CA MET A 539 7.63 14.10 -3.27
C MET A 539 7.09 14.77 -2.02
N MET A 540 7.90 14.72 -0.97
CA MET A 540 7.60 15.34 0.32
C MET A 540 8.85 16.00 0.88
N ASN A 541 8.67 17.21 1.40
CA ASN A 541 9.71 17.93 2.13
C ASN A 541 9.15 18.28 3.51
N VAL A 542 9.32 17.38 4.47
CA VAL A 542 8.91 17.64 5.85
C VAL A 542 9.99 18.52 6.47
N ILE A 543 9.67 19.79 6.67
CA ILE A 543 10.60 20.79 7.17
C ILE A 543 10.35 20.91 8.67
N GLY A 544 11.33 20.51 9.47
CA GLY A 544 11.21 20.58 10.91
C GLY A 544 11.35 19.23 11.58
N SER A 545 12.08 19.19 12.69
CA SER A 545 12.28 17.95 13.43
C SER A 545 11.00 17.47 14.12
N GLN A 546 9.97 18.31 14.17
CA GLN A 546 8.68 17.92 14.74
C GLN A 546 7.57 17.86 13.71
N GLY A 547 7.77 18.44 12.53
CA GLY A 547 6.75 18.51 11.50
C GLY A 547 6.09 19.87 11.50
N HIS A 548 6.56 20.75 10.63
CA HIS A 548 6.05 22.11 10.56
C HIS A 548 5.59 22.50 9.17
N LEU A 549 6.28 22.01 8.14
CA LEU A 549 5.88 22.19 6.75
C LEU A 549 5.73 20.81 6.15
N ILE A 550 4.50 20.30 6.13
CA ILE A 550 4.22 18.98 5.57
C ILE A 550 3.77 19.24 4.12
N GLN A 551 4.10 20.42 3.62
CA GLN A 551 3.79 20.79 2.25
C GLN A 551 4.45 19.83 1.27
N GLN A 552 3.95 19.85 0.03
CA GLN A 552 4.54 19.05 -1.03
C GLN A 552 5.78 19.76 -1.58
N ALA A 553 6.43 19.11 -2.53
CA ALA A 553 7.54 19.73 -3.23
C ALA A 553 6.99 20.54 -4.40
N PRO A 554 7.19 21.86 -4.42
CA PRO A 554 6.63 22.67 -5.53
C PRO A 554 7.33 22.39 -6.85
N LEU A 555 7.22 21.16 -7.33
CA LEU A 555 7.88 20.73 -8.57
C LEU A 555 7.00 19.71 -9.26
N ASN A 556 7.20 19.58 -10.56
CA ASN A 556 6.46 18.61 -11.34
C ASN A 556 6.91 17.19 -10.99
N GLY A 557 5.95 16.27 -11.03
CA GLY A 557 6.25 14.87 -10.73
C GLY A 557 6.09 13.96 -11.93
N ILE A 558 5.74 14.54 -13.08
CA ILE A 558 5.53 13.79 -14.31
C ILE A 558 6.91 13.45 -14.86
N LEU A 559 7.33 12.19 -14.69
CA LEU A 559 8.63 11.75 -15.17
C LEU A 559 8.51 11.30 -16.62
N ALA A 560 9.30 11.92 -17.51
CA ALA A 560 9.29 11.50 -18.90
C ALA A 560 9.88 10.11 -19.08
N GLY A 561 10.94 9.81 -18.33
CA GLY A 561 11.62 8.54 -18.43
C GLY A 561 11.00 7.46 -17.55
N GLU A 562 11.72 6.36 -17.42
CA GLU A 562 11.24 5.23 -16.63
C GLU A 562 11.36 5.48 -15.14
N LYS A 563 12.35 6.27 -14.71
CA LYS A 563 12.59 6.51 -13.30
C LYS A 563 13.00 7.97 -13.12
N ILE A 564 13.47 8.30 -11.92
CA ILE A 564 13.88 9.67 -11.60
C ILE A 564 15.28 9.92 -12.13
N ASP A 565 15.47 11.03 -12.81
CA ASP A 565 16.79 11.44 -13.28
C ASP A 565 17.48 12.29 -12.22
N ASP A 566 18.81 12.33 -12.30
CA ASP A 566 19.60 13.07 -11.32
C ASP A 566 19.31 14.57 -11.35
N THR A 567 18.89 15.11 -12.49
CA THR A 567 18.65 16.55 -12.58
C THR A 567 17.51 16.98 -11.66
N LEU A 568 16.43 16.19 -11.59
CA LEU A 568 15.34 16.50 -10.67
C LEU A 568 15.69 16.14 -9.24
N LEU A 569 16.49 15.09 -9.05
CA LEU A 569 16.94 14.71 -7.72
C LEU A 569 17.76 15.82 -7.09
N ALA A 570 18.54 16.54 -7.90
CA ALA A 570 19.29 17.69 -7.38
C ALA A 570 18.34 18.78 -6.89
N ASN A 571 17.40 19.19 -7.74
CA ASN A 571 16.51 20.29 -7.39
C ASN A 571 15.66 19.97 -6.17
N LEU A 572 15.17 18.72 -6.07
CA LEU A 572 14.38 18.33 -4.92
C LEU A 572 15.03 18.80 -3.62
N LEU A 573 16.24 18.30 -3.33
CA LEU A 573 16.91 18.67 -2.10
C LEU A 573 17.41 20.11 -2.12
N LYS A 574 17.70 20.67 -3.31
CA LYS A 574 18.18 22.04 -3.38
C LYS A 574 17.12 23.02 -2.87
N GLN A 575 15.96 23.05 -3.52
CA GLN A 575 14.88 23.89 -2.99
C GLN A 575 14.32 23.40 -1.67
N MET A 576 14.51 22.12 -1.29
CA MET A 576 14.10 21.73 0.05
C MET A 576 14.97 22.41 1.11
N ILE A 577 16.29 22.43 0.89
CA ILE A 577 17.20 23.11 1.81
C ILE A 577 16.92 24.62 1.80
N LYS A 578 16.66 25.17 0.62
CA LYS A 578 16.35 26.60 0.54
C LYS A 578 15.09 26.92 1.33
N ALA A 579 14.06 26.08 1.23
CA ALA A 579 12.85 26.29 2.01
C ALA A 579 13.11 26.13 3.51
N TYR A 580 13.96 25.17 3.88
CA TYR A 580 14.31 24.99 5.29
C TYR A 580 14.98 26.25 5.84
N HIS A 581 15.91 26.82 5.08
CA HIS A 581 16.55 28.06 5.52
C HIS A 581 15.56 29.22 5.53
N THR A 582 14.66 29.27 4.56
CA THR A 582 13.67 30.34 4.52
C THR A 582 12.74 30.30 5.71
N GLN A 583 12.40 29.11 6.20
CA GLN A 583 11.45 28.98 7.30
C GLN A 583 12.12 28.90 8.67
N PHE A 584 13.42 28.60 8.74
CA PHE A 584 14.10 28.47 10.02
C PHE A 584 15.30 29.40 10.20
N GLN A 585 15.78 30.03 9.13
CA GLN A 585 16.97 30.88 9.14
C GLN A 585 18.24 30.14 9.54
N ARG A 586 18.18 28.80 9.61
CA ARG A 586 19.32 27.98 9.96
C ARG A 586 19.39 26.80 9.00
N PHE A 587 20.60 26.45 8.57
CA PHE A 587 20.74 25.29 7.71
C PHE A 587 20.58 23.99 8.51
N PRO A 588 20.11 22.92 7.87
CA PRO A 588 19.89 21.68 8.61
C PRO A 588 21.18 20.91 8.84
N LYS A 589 21.29 20.30 10.02
CA LYS A 589 22.47 19.50 10.33
C LYS A 589 22.42 18.12 9.67
N HIS A 590 21.23 17.54 9.53
CA HIS A 590 21.10 16.22 8.91
C HIS A 590 19.75 16.08 8.24
N ILE A 591 19.73 15.40 7.10
CA ILE A 591 18.54 15.21 6.28
C ILE A 591 18.31 13.72 6.10
N THR A 592 17.09 13.26 6.40
CA THR A 592 16.75 11.85 6.28
C THR A 592 15.86 11.63 5.06
N ILE A 593 16.33 10.79 4.13
CA ILE A 593 15.61 10.50 2.89
C ILE A 593 14.91 9.16 3.02
N HIS A 594 13.64 9.11 2.64
CA HIS A 594 12.85 7.90 2.59
C HIS A 594 12.48 7.61 1.15
N ARG A 595 12.70 6.37 0.72
CA ARG A 595 12.41 5.93 -0.64
C ARG A 595 11.36 4.84 -0.60
N ASP A 596 10.41 4.89 -1.54
CA ASP A 596 9.34 3.90 -1.63
C ASP A 596 9.79 2.79 -2.56
N GLY A 597 10.17 1.65 -1.99
CA GLY A 597 10.68 0.53 -2.77
C GLY A 597 12.19 0.40 -2.61
N PHE A 598 12.88 0.27 -3.75
CA PHE A 598 14.33 0.12 -3.77
C PHE A 598 14.96 1.34 -4.43
N TRP A 599 16.07 1.80 -3.84
CA TRP A 599 16.75 3.00 -4.34
C TRP A 599 17.49 2.71 -5.64
N ARG A 600 16.84 2.97 -6.77
CA ARG A 600 17.47 2.77 -8.07
C ARG A 600 18.37 3.94 -8.46
N GLU A 601 18.28 5.07 -7.77
CA GLU A 601 19.06 6.25 -8.11
C GLU A 601 20.51 6.07 -7.69
N HIS A 602 21.35 7.03 -8.10
CA HIS A 602 22.77 6.97 -7.80
C HIS A 602 23.07 7.55 -6.42
N THR A 603 23.93 6.85 -5.67
CA THR A 603 24.32 7.32 -4.36
C THR A 603 25.29 8.49 -4.43
N ALA A 604 26.06 8.59 -5.52
CA ALA A 604 27.09 9.62 -5.62
C ALA A 604 26.49 11.02 -5.68
N LEU A 605 25.33 11.18 -6.33
CA LEU A 605 24.76 12.51 -6.53
C LEU A 605 24.39 13.16 -5.20
N VAL A 606 23.78 12.39 -4.29
CA VAL A 606 23.33 12.95 -3.01
C VAL A 606 24.54 13.44 -2.22
N GLU A 607 25.59 12.62 -2.13
CA GLU A 607 26.80 13.02 -1.42
C GLU A 607 27.45 14.23 -2.08
N LYS A 608 27.52 14.24 -3.41
CA LYS A 608 28.17 15.34 -4.12
C LYS A 608 27.44 16.65 -3.87
N ILE A 609 26.12 16.62 -3.88
CA ILE A 609 25.38 17.87 -3.75
C ILE A 609 25.25 18.30 -2.29
N MET A 610 25.28 17.36 -1.34
CA MET A 610 25.16 17.73 0.06
C MET A 610 26.51 17.94 0.73
N SER A 611 27.62 17.68 0.05
CA SER A 611 28.92 18.05 0.58
C SER A 611 29.19 19.55 0.47
N HIS A 612 28.50 20.23 -0.46
CA HIS A 612 28.65 21.67 -0.59
C HIS A 612 28.19 22.38 0.68
N TYR A 613 27.06 21.95 1.24
CA TYR A 613 26.52 22.54 2.45
C TYR A 613 26.97 21.83 3.71
N GLU A 614 27.77 20.77 3.58
CA GLU A 614 28.32 20.02 4.71
C GLU A 614 27.21 19.49 5.61
N ILE A 615 26.37 18.62 5.04
CA ILE A 615 25.22 18.06 5.74
C ILE A 615 25.24 16.55 5.58
N THR A 616 25.08 15.83 6.68
CA THR A 616 24.97 14.38 6.65
C THR A 616 23.59 13.96 6.15
N TYR A 617 23.47 12.71 5.72
CA TYR A 617 22.22 12.23 5.13
C TYR A 617 22.08 10.72 5.32
N ASP A 618 21.00 10.19 4.76
CA ASP A 618 20.69 8.77 4.76
C ASP A 618 19.88 8.45 3.51
N ILE A 619 19.87 7.17 3.12
CA ILE A 619 19.22 6.75 1.89
C ILE A 619 18.28 5.60 2.23
N VAL A 620 17.68 5.67 3.42
CA VAL A 620 16.81 4.60 3.92
C VAL A 620 15.75 4.20 2.89
N GLU A 621 15.46 2.90 2.85
CA GLU A 621 14.45 2.33 1.97
C GLU A 621 13.31 1.74 2.78
N ILE A 622 12.09 1.88 2.29
CA ILE A 622 10.89 1.39 2.94
C ILE A 622 10.14 0.48 1.99
N ILE A 623 9.83 -0.73 2.45
CA ILE A 623 9.14 -1.75 1.65
C ILE A 623 7.80 -2.05 2.31
N LYS A 624 6.73 -1.95 1.52
CA LYS A 624 5.37 -2.09 2.04
C LYS A 624 4.95 -3.56 2.17
N LYS A 625 5.32 -4.40 1.19
CA LYS A 625 5.02 -5.82 1.27
C LYS A 625 6.26 -6.61 1.66
N PRO A 626 6.46 -6.88 2.95
CA PRO A 626 7.63 -7.68 3.34
C PRO A 626 7.50 -9.15 2.99
N ASN A 627 6.28 -9.63 2.75
CA ASN A 627 6.00 -11.04 2.47
C ASN A 627 6.36 -11.96 3.63
N ARG A 628 6.47 -11.39 4.83
CA ARG A 628 6.71 -12.16 6.06
C ARG A 628 5.70 -11.71 7.11
N ARG A 629 5.75 -12.38 8.26
CA ARG A 629 4.85 -12.05 9.37
C ARG A 629 5.66 -11.99 10.66
N MET A 630 5.15 -11.21 11.61
CA MET A 630 5.75 -11.05 12.92
C MET A 630 4.72 -11.46 13.96
N ALA A 631 5.16 -12.20 14.97
CA ALA A 631 4.21 -12.59 16.01
C ALA A 631 4.92 -12.74 17.34
N PHE A 632 4.14 -12.71 18.40
CA PHE A 632 4.57 -13.11 19.73
C PHE A 632 3.71 -14.29 20.15
N PHE A 633 4.35 -15.42 20.44
CA PHE A 633 3.64 -16.63 20.83
C PHE A 633 3.59 -16.73 22.34
N ASN A 634 2.41 -17.06 22.86
CA ASN A 634 2.18 -17.18 24.29
C ASN A 634 2.13 -18.66 24.67
N SER A 635 3.06 -19.09 25.51
CA SER A 635 3.14 -20.49 25.90
C SER A 635 2.11 -20.87 26.96
N VAL A 636 1.53 -19.90 27.67
CA VAL A 636 0.52 -20.21 28.68
C VAL A 636 -0.70 -20.84 28.01
N ASP A 637 -1.19 -20.21 26.95
CA ASP A 637 -2.22 -20.79 26.10
C ASP A 637 -1.82 -20.53 24.65
N ASN A 638 -1.86 -21.58 23.84
CA ASN A 638 -1.35 -21.48 22.47
C ASN A 638 -2.07 -20.40 21.70
N THR A 639 -1.36 -19.29 21.42
CA THR A 639 -1.96 -18.14 20.77
C THR A 639 -0.84 -17.21 20.30
N PHE A 640 -0.96 -16.72 19.07
CA PHE A 640 -0.07 -15.71 18.54
C PHE A 640 -0.76 -14.34 18.60
N SER A 641 0.03 -13.31 18.86
CA SER A 641 -0.48 -11.95 18.91
C SER A 641 0.55 -11.02 18.28
N THR A 642 0.23 -9.73 18.27
CA THR A 642 1.14 -8.73 17.73
C THR A 642 1.01 -7.45 18.56
N ARG A 643 2.13 -6.74 18.73
CA ARG A 643 2.16 -5.49 19.47
C ARG A 643 2.73 -4.40 18.58
N GLN A 644 2.05 -3.25 18.55
CA GLN A 644 2.49 -2.14 17.72
C GLN A 644 3.81 -1.59 18.21
N GLY A 645 4.58 -1.03 17.28
CA GLY A 645 5.90 -0.50 17.61
C GLY A 645 6.91 -1.55 18.01
N THR A 646 6.96 -2.66 17.28
CA THR A 646 7.92 -3.73 17.49
C THR A 646 8.87 -3.77 16.31
N VAL A 647 10.17 -3.93 16.61
CA VAL A 647 11.22 -3.93 15.59
C VAL A 647 12.05 -5.19 15.76
N TYR A 648 12.29 -5.88 14.64
CA TYR A 648 13.25 -6.98 14.57
C TYR A 648 14.39 -6.51 13.68
N GLN A 649 15.61 -6.45 14.21
CA GLN A 649 16.72 -5.92 13.43
C GLN A 649 17.83 -6.94 13.25
N ARG A 650 18.47 -6.88 12.08
CA ARG A 650 19.60 -7.72 11.72
C ARG A 650 20.47 -6.95 10.74
N GLY A 651 21.72 -6.69 11.13
CA GLY A 651 22.60 -5.90 10.29
C GLY A 651 22.08 -4.50 10.08
N ASN A 652 21.61 -4.22 8.87
CA ASN A 652 20.97 -2.94 8.55
C ASN A 652 19.61 -3.18 7.91
N GLU A 653 18.90 -4.20 8.38
CA GLU A 653 17.56 -4.51 7.89
C GLU A 653 16.64 -4.82 9.06
N ALA A 654 15.46 -4.20 9.08
CA ALA A 654 14.56 -4.32 10.20
C ALA A 654 13.12 -4.54 9.71
N PHE A 655 12.33 -5.14 10.58
CA PHE A 655 10.90 -5.33 10.39
C PHE A 655 10.18 -4.56 11.49
N LEU A 656 9.25 -3.68 11.09
CA LEU A 656 8.53 -2.81 11.99
C LEU A 656 7.05 -3.10 11.94
N CYS A 657 6.42 -3.16 13.11
CA CYS A 657 4.97 -3.31 13.23
C CYS A 657 4.38 -1.96 13.63
N ALA A 658 3.65 -1.32 12.70
CA ALA A 658 3.17 0.04 12.87
C ALA A 658 1.65 0.14 13.00
N THR A 659 0.95 -0.99 13.14
CA THR A 659 -0.50 -0.97 13.23
C THR A 659 -0.96 -1.97 14.28
N ASN A 660 -2.21 -1.80 14.72
CA ASN A 660 -2.86 -2.72 15.65
C ASN A 660 -4.25 -3.06 15.13
N PRO A 661 -4.34 -3.85 14.05
CA PRO A 661 -5.65 -4.24 13.53
C PRO A 661 -6.37 -5.18 14.49
N GLN A 662 -7.68 -5.29 14.28
CA GLN A 662 -8.51 -6.19 15.07
C GLN A 662 -8.53 -7.57 14.42
N GLN A 663 -9.21 -8.51 15.09
CA GLN A 663 -9.30 -9.87 14.57
C GLN A 663 -10.12 -9.91 13.28
N LYS A 664 -11.20 -9.13 13.22
CA LYS A 664 -12.03 -9.12 12.03
C LYS A 664 -11.29 -8.60 10.80
N VAL A 665 -10.44 -7.59 10.98
CA VAL A 665 -9.69 -7.06 9.86
C VAL A 665 -8.70 -8.09 9.33
N GLY A 666 -8.11 -8.88 10.23
CA GLY A 666 -7.13 -9.87 9.83
C GLY A 666 -5.91 -9.91 10.73
N MET A 667 -4.73 -9.79 10.14
CA MET A 667 -3.47 -9.79 10.87
C MET A 667 -2.63 -8.60 10.44
N ALA A 668 -1.89 -8.05 11.40
CA ALA A 668 -1.06 -6.89 11.13
C ALA A 668 -0.03 -7.20 10.05
N GLN A 669 0.19 -6.23 9.17
CA GLN A 669 1.10 -6.39 8.05
C GLN A 669 2.39 -5.64 8.33
N PRO A 670 3.51 -6.32 8.52
CA PRO A 670 4.77 -5.63 8.85
C PRO A 670 5.23 -4.73 7.71
N ILE A 671 6.28 -3.97 8.00
CA ILE A 671 6.90 -3.08 7.03
C ILE A 671 8.42 -3.25 7.14
N LYS A 672 9.11 -3.18 6.00
CA LYS A 672 10.53 -3.50 5.97
C LYS A 672 11.34 -2.22 5.81
N ILE A 673 12.36 -2.06 6.66
CA ILE A 673 13.22 -0.89 6.67
C ILE A 673 14.63 -1.34 6.33
N HIS A 674 15.20 -0.78 5.27
CA HIS A 674 16.56 -1.12 4.85
C HIS A 674 17.40 0.16 4.89
N GLN A 675 18.26 0.27 5.90
CA GLN A 675 19.11 1.44 6.08
C GLN A 675 20.37 1.25 5.25
N VAL A 676 20.56 2.09 4.25
CA VAL A 676 21.71 1.94 3.35
C VAL A 676 22.93 2.67 3.91
N THR A 677 22.80 3.95 4.18
CA THR A 677 23.93 4.73 4.67
C THR A 677 24.21 4.40 6.13
N LYS A 678 25.45 4.64 6.54
CA LYS A 678 25.95 4.21 7.84
C LYS A 678 26.14 5.35 8.83
N THR A 679 25.72 6.57 8.49
CA THR A 679 26.03 7.75 9.29
C THR A 679 25.44 7.68 10.70
N LEU A 680 24.12 7.69 10.82
CA LEU A 680 23.49 7.66 12.13
C LEU A 680 23.34 6.23 12.64
N PRO A 681 23.28 6.05 13.97
CA PRO A 681 22.95 4.73 14.50
C PRO A 681 21.59 4.28 14.01
N PHE A 682 21.50 3.01 13.63
CA PHE A 682 20.28 2.51 13.00
C PHE A 682 19.11 2.42 13.97
N SER A 683 19.36 2.49 15.29
CA SER A 683 18.25 2.58 16.23
C SER A 683 17.53 3.92 16.15
N HIS A 684 18.16 4.94 15.56
CA HIS A 684 17.57 6.26 15.42
C HIS A 684 16.67 6.37 14.20
N ILE A 685 17.09 5.77 13.08
CA ILE A 685 16.27 5.82 11.86
C ILE A 685 14.95 5.11 12.06
N ILE A 686 14.96 3.96 12.72
CA ILE A 686 13.72 3.22 12.95
C ILE A 686 12.77 4.03 13.82
N GLU A 687 13.29 4.65 14.87
CA GLU A 687 12.46 5.47 15.74
C GLU A 687 11.90 6.68 15.00
N ASP A 688 12.71 7.30 14.13
CA ASP A 688 12.22 8.41 13.33
C ASP A 688 11.10 7.96 12.39
N VAL A 689 11.27 6.79 11.76
CA VAL A 689 10.25 6.28 10.86
C VAL A 689 8.95 6.03 11.62
N TYR A 690 9.05 5.43 12.81
CA TYR A 690 7.86 5.19 13.62
C TYR A 690 7.19 6.50 14.05
N ASN A 691 7.99 7.49 14.47
CA ASN A 691 7.43 8.74 14.97
C ASN A 691 6.79 9.53 13.84
N LEU A 692 7.38 9.51 12.65
CA LEU A 692 6.89 10.30 11.53
C LEU A 692 5.59 9.75 10.95
N SER A 693 5.14 8.58 11.41
CA SER A 693 3.88 8.01 10.98
C SER A 693 2.69 8.48 11.80
N PHE A 694 2.91 9.38 12.77
CA PHE A 694 1.82 9.95 13.54
C PHE A 694 1.39 11.32 13.02
N LEU A 695 2.00 11.80 11.94
CA LEU A 695 1.63 13.09 11.34
C LEU A 695 0.61 12.89 10.22
N HIS A 696 -0.48 12.19 10.54
CA HIS A 696 -1.59 12.01 9.60
C HIS A 696 -2.57 13.16 9.81
N ILE A 697 -2.20 14.33 9.32
CA ILE A 697 -2.92 15.57 9.60
C ILE A 697 -4.18 15.64 8.75
N HIS A 698 -4.44 14.59 7.97
CA HIS A 698 -5.63 14.55 7.14
C HIS A 698 -6.74 13.69 7.72
N ALA A 699 -6.49 12.90 8.77
CA ALA A 699 -7.50 12.02 9.31
C ALA A 699 -7.17 11.70 10.76
N MET A 700 -8.19 11.25 11.50
CA MET A 700 -8.01 10.79 12.87
C MET A 700 -7.88 9.27 12.94
N ASN A 701 -7.32 8.67 11.89
CA ASN A 701 -7.09 7.23 11.82
C ASN A 701 -5.61 6.98 11.60
N LYS A 702 -5.08 5.98 12.31
CA LYS A 702 -3.64 5.76 12.34
C LYS A 702 -3.18 5.22 10.99
N MET A 703 -2.41 6.04 10.27
CA MET A 703 -1.75 5.62 9.05
C MET A 703 -0.63 4.63 9.37
N ARG A 704 -0.39 3.70 8.45
CA ARG A 704 0.66 2.71 8.66
C ARG A 704 2.02 3.17 8.18
N LEU A 705 2.08 3.83 7.03
CA LEU A 705 3.32 4.32 6.48
C LEU A 705 3.71 5.65 7.11
N PRO A 706 4.99 6.03 7.01
CA PRO A 706 5.40 7.37 7.44
C PRO A 706 4.77 8.44 6.56
N ALA A 707 4.72 9.66 7.11
CA ALA A 707 4.09 10.78 6.42
C ALA A 707 4.85 11.21 5.17
N THR A 708 6.07 10.72 4.96
CA THR A 708 6.84 11.10 3.78
C THR A 708 6.57 10.21 2.58
N ILE A 709 5.97 9.04 2.78
CA ILE A 709 5.74 8.10 1.68
C ILE A 709 4.24 7.91 1.48
N HIS A 710 3.48 8.00 2.57
CA HIS A 710 2.04 7.83 2.49
C HIS A 710 1.35 9.00 1.80
N TYR A 711 1.97 10.19 1.81
CA TYR A 711 1.46 11.30 1.03
C TYR A 711 2.17 11.45 -0.31
N ALA A 712 3.41 10.97 -0.43
CA ALA A 712 4.07 10.93 -1.72
C ALA A 712 3.34 9.98 -2.67
N ASP A 713 2.80 8.88 -2.14
CA ASP A 713 1.98 7.98 -2.94
C ASP A 713 0.74 8.69 -3.47
N LEU A 714 0.05 9.44 -2.60
CA LEU A 714 -1.13 10.17 -3.02
C LEU A 714 -0.79 11.22 -4.06
N SER A 715 0.34 11.92 -3.88
CA SER A 715 0.77 12.90 -4.86
C SER A 715 1.07 12.25 -6.21
N ALA A 716 1.70 11.07 -6.18
CA ALA A 716 1.98 10.36 -7.43
C ALA A 716 0.69 9.95 -8.13
N THR A 717 -0.29 9.46 -7.38
CA THR A 717 -1.58 9.11 -7.99
C THR A 717 -2.26 10.35 -8.57
N ALA A 718 -2.24 11.46 -7.84
CA ALA A 718 -2.88 12.67 -8.32
C ALA A 718 -2.19 13.22 -9.56
N TYR A 719 -0.86 13.07 -9.66
CA TYR A 719 -0.15 13.50 -10.86
C TYR A 719 -0.38 12.55 -12.03
N GLN A 720 -0.53 11.26 -11.75
CA GLN A 720 -0.80 10.30 -12.83
C GLN A 720 -2.14 10.59 -13.51
N ARG A 721 -3.16 10.88 -12.72
CA ARG A 721 -4.48 11.17 -13.25
C ARG A 721 -4.73 12.66 -13.48
N GLY A 722 -3.79 13.51 -13.08
CA GLY A 722 -3.92 14.94 -13.30
C GLY A 722 -4.95 15.64 -12.44
N GLN A 723 -4.77 15.59 -11.12
CA GLN A 723 -5.66 16.29 -10.19
C GLN A 723 -4.91 17.30 -9.31
N VAL A 724 -3.71 17.71 -9.72
CA VAL A 724 -2.91 18.62 -8.91
C VAL A 724 -1.94 19.34 -9.82
N MET A 725 -1.61 20.58 -9.46
CA MET A 725 -0.61 21.39 -10.14
C MET A 725 0.31 22.00 -9.11
N PRO A 726 1.57 22.26 -9.48
CA PRO A 726 2.52 22.80 -8.50
C PRO A 726 2.10 24.17 -7.99
N ARG A 727 2.35 24.40 -6.69
CA ARG A 727 2.04 25.67 -6.05
C ARG A 727 3.22 26.07 -5.18
N SER A 728 3.54 27.36 -5.18
CA SER A 728 4.67 27.90 -4.44
C SER A 728 4.17 28.65 -3.22
N GLY A 729 4.72 28.33 -2.05
CA GLY A 729 4.33 28.99 -0.83
C GLY A 729 5.01 28.36 0.36
N ASN A 730 4.74 28.93 1.54
CA ASN A 730 5.29 28.44 2.81
C ASN A 730 4.14 28.27 3.80
N GLN A 731 3.48 27.12 3.73
CA GLN A 731 2.38 26.76 4.63
C GLN A 731 2.04 25.30 4.36
N THR A 732 1.16 24.76 5.19
CA THR A 732 0.69 23.39 5.01
C THR A 732 -0.05 23.25 3.68
N ASN A 733 0.55 22.53 2.73
CA ASN A 733 0.00 22.41 1.38
C ASN A 733 -0.17 20.93 1.04
N LEU A 734 -1.38 20.42 1.25
CA LEU A 734 -1.77 19.07 0.83
C LEU A 734 -3.10 19.19 0.09
N PRO A 735 -3.07 19.56 -1.19
CA PRO A 735 -4.33 19.65 -1.95
C PRO A 735 -5.10 18.33 -2.00
N PHE A 736 -4.39 17.21 -2.01
CA PHE A 736 -5.02 15.90 -1.96
C PHE A 736 -5.45 15.61 -0.52
N VAL A 737 -5.84 14.36 -0.27
CA VAL A 737 -6.27 13.97 1.07
C VAL A 737 -5.06 13.78 1.99
MN MN D . -10.07 13.85 1.66
#